data_7RXJ
#
_entry.id   7RXJ
#
_cell.length_a   130.137
_cell.length_b   45.564
_cell.length_c   201.087
_cell.angle_alpha   90.00
_cell.angle_beta   94.04
_cell.angle_gamma   90.00
#
_symmetry.space_group_name_H-M   'C 1 2 1'
#
loop_
_entity.id
_entity.type
_entity.pdbx_description
1 polymer 'Fab236 light chain'
2 polymer 'Fab236 heavy chain'
3 polymer 'Circumsporozoite protein'
4 water water
#
loop_
_entity_poly.entity_id
_entity_poly.type
_entity_poly.pdbx_seq_one_letter_code
_entity_poly.pdbx_strand_id
1 'polypeptide(L)'
;SYELTQAPSVSVSPGQTATITCSGDKLGDKFTSWYQQKPGQSPVLVIYQDSKRPSGIPERFSASNSGNTATLTISGTRAM
DEADYYCQAWDSNTYVFGTGTRVAVLSQPKANPTVTLFPPSSEELQANKATLVCLISDFYPGAVTVAWKADGSPVKAGVE
TTKPSKQSNNKYAASSYLSLTPEQWKSHRSYSCQVTHEGSTVEKTVAPTECS
;
B,L
2 'polypeptide(L)'
;EVQLVESGGGLVQPGGSLRLSCVASGFNFTTYSMNWVRQAPGKGLEWVSYISSHSNLIYYATSVKGRFTISRDNAKNSLY
LQMNSLRAEDTALYYCARGGSLHPSAGADWIDPWGQGTLVTVSSASTKGPSVFPLAPSSKSTSGGTAALGCLVKDYFPEP
VTVSWNSGALTSGVHTFPAVLQSSGLYSLSSVVTVPSSSLGTQTYICNVNHKPSNTKVDKKVEPKSC
;
A,H
3 'polypeptide(L)' EPSDKHIKEYLNKIQNSLSTEWSPCSVTCGNGIQVRIKPGSANKPKDELDYANDIEKKICKMEKCS I,G
#
# COMPACT_ATOMS: atom_id res chain seq x y z
N SER A 1 -24.88 29.57 -21.35
CA SER A 1 -24.41 30.36 -20.21
C SER A 1 -22.88 30.45 -20.20
N TYR A 2 -22.36 31.61 -19.80
CA TYR A 2 -20.91 31.85 -19.84
C TYR A 2 -20.19 30.92 -18.86
N GLU A 3 -19.16 30.23 -19.36
CA GLU A 3 -18.37 29.31 -18.56
C GLU A 3 -16.96 29.85 -18.37
N LEU A 4 -16.51 29.90 -17.13
CA LEU A 4 -15.12 30.19 -16.80
C LEU A 4 -14.47 28.89 -16.36
N THR A 5 -13.39 28.53 -17.05
CA THR A 5 -12.71 27.26 -16.83
C THR A 5 -11.47 27.46 -15.98
N GLN A 6 -11.16 26.45 -15.16
CA GLN A 6 -9.98 26.48 -14.33
C GLN A 6 -9.42 25.08 -14.16
N ALA A 7 -8.11 25.00 -13.99
CA ALA A 7 -7.48 23.72 -13.65
C ALA A 7 -7.82 23.36 -12.21
N PRO A 8 -8.18 22.10 -11.95
CA PRO A 8 -8.66 21.76 -10.58
C PRO A 8 -7.59 21.89 -9.51
N SER A 9 -6.32 21.64 -9.85
CA SER A 9 -5.29 21.58 -8.83
C SER A 9 -3.96 22.05 -9.41
N VAL A 10 -3.16 22.66 -8.53
CA VAL A 10 -1.82 23.14 -8.84
C VAL A 10 -0.97 22.91 -7.60
N SER A 11 0.27 22.48 -7.78
CA SER A 11 1.18 22.22 -6.67
C SER A 11 2.49 22.95 -6.90
N VAL A 12 2.97 23.64 -5.86
CA VAL A 12 4.12 24.54 -5.96
C VAL A 12 4.95 24.43 -4.68
N SER A 13 6.27 24.45 -4.84
CA SER A 13 7.18 24.43 -3.71
C SER A 13 7.31 25.82 -3.11
N PRO A 14 7.49 25.93 -1.79
CA PRO A 14 7.62 27.26 -1.18
C PRO A 14 8.73 28.05 -1.84
N GLY A 15 8.47 29.34 -2.04
CA GLY A 15 9.40 30.22 -2.72
C GLY A 15 9.28 30.23 -4.22
N GLN A 16 8.65 29.22 -4.81
CA GLN A 16 8.38 29.24 -6.24
C GLN A 16 7.17 30.14 -6.52
N THR A 17 6.99 30.49 -7.79
CA THR A 17 5.88 31.32 -8.22
C THR A 17 4.79 30.41 -8.77
N ALA A 18 3.54 30.67 -8.36
CA ALA A 18 2.38 29.90 -8.79
C ALA A 18 1.57 30.72 -9.80
N THR A 19 1.04 30.03 -10.81
CA THR A 19 0.20 30.66 -11.82
C THR A 19 -1.12 29.89 -11.91
N ILE A 20 -2.23 30.60 -11.71
CA ILE A 20 -3.56 30.03 -11.77
C ILE A 20 -4.28 30.64 -12.96
N THR A 21 -4.67 29.79 -13.90
CA THR A 21 -5.32 30.18 -15.14
C THR A 21 -6.82 30.34 -14.94
N CYS A 22 -7.47 30.99 -15.91
CA CYS A 22 -8.92 31.12 -15.93
C CYS A 22 -9.35 31.52 -17.33
N SER A 23 -10.05 30.64 -18.03
CA SER A 23 -10.44 30.85 -19.43
C SER A 23 -11.87 31.35 -19.54
N GLY A 24 -12.14 32.07 -20.64
CA GLY A 24 -13.46 32.55 -20.97
C GLY A 24 -13.52 33.06 -22.40
N ASP A 25 -14.67 32.96 -23.07
CA ASP A 25 -14.69 33.09 -24.53
C ASP A 25 -14.04 34.38 -24.99
N LYS A 26 -14.25 35.47 -24.24
CA LYS A 26 -13.56 36.74 -24.49
C LYS A 26 -13.48 37.43 -23.13
N LEU A 27 -12.74 36.78 -22.23
CA LEU A 27 -12.65 37.25 -20.85
C LEU A 27 -11.91 38.58 -20.76
N GLY A 28 -11.14 38.93 -21.80
CA GLY A 28 -10.44 40.20 -21.78
C GLY A 28 -11.37 41.39 -21.74
N ASP A 29 -12.57 41.24 -22.28
CA ASP A 29 -13.57 42.30 -22.31
C ASP A 29 -14.29 42.48 -20.98
N LYS A 30 -14.09 41.58 -20.02
CA LYS A 30 -14.77 41.65 -18.74
C LYS A 30 -13.76 41.91 -17.63
N PHE A 31 -14.20 42.60 -16.58
CA PHE A 31 -13.40 42.67 -15.36
C PHE A 31 -13.42 41.30 -14.67
N THR A 32 -12.25 40.85 -14.24
CA THR A 32 -12.13 39.59 -13.51
C THR A 32 -11.80 39.90 -12.05
N SER A 33 -12.37 39.12 -11.15
CA SER A 33 -12.07 39.17 -9.73
C SER A 33 -11.52 37.81 -9.31
N TRP A 34 -10.73 37.80 -8.25
CA TRP A 34 -10.16 36.56 -7.74
C TRP A 34 -10.47 36.44 -6.26
N TYR A 35 -10.84 35.24 -5.83
CA TYR A 35 -11.16 34.95 -4.44
C TYR A 35 -10.31 33.80 -3.94
N GLN A 36 -9.86 33.93 -2.69
CA GLN A 36 -9.07 32.91 -2.01
C GLN A 36 -9.92 32.29 -0.91
N GLN A 37 -9.99 30.97 -0.87
CA GLN A 37 -10.79 30.26 0.13
C GLN A 37 -9.99 29.12 0.75
N LYS A 38 -9.75 29.22 2.06
CA LYS A 38 -9.08 28.21 2.86
C LYS A 38 -10.10 27.29 3.51
N PRO A 39 -9.71 26.04 3.79
CA PRO A 39 -10.68 25.08 4.34
C PRO A 39 -11.42 25.65 5.54
N GLY A 40 -12.74 25.48 5.53
CA GLY A 40 -13.56 25.93 6.64
C GLY A 40 -13.67 27.43 6.77
N GLN A 41 -13.42 28.19 5.70
CA GLN A 41 -13.47 29.64 5.77
C GLN A 41 -14.27 30.21 4.61
N SER A 42 -14.77 31.43 4.82
CA SER A 42 -15.43 32.18 3.78
C SER A 42 -14.41 32.65 2.74
N PRO A 43 -14.82 32.80 1.48
CA PRO A 43 -13.91 33.35 0.48
C PRO A 43 -13.50 34.77 0.87
N VAL A 44 -12.37 35.21 0.30
CA VAL A 44 -11.85 36.55 0.53
C VAL A 44 -11.39 37.13 -0.81
N LEU A 45 -11.67 38.41 -1.02
CA LEU A 45 -11.29 39.08 -2.25
C LEU A 45 -9.80 39.34 -2.26
N VAL A 46 -9.13 38.91 -3.33
CA VAL A 46 -7.71 39.19 -3.50
C VAL A 46 -7.41 40.02 -4.74
N ILE A 47 -8.29 40.02 -5.73
CA ILE A 47 -8.12 40.86 -6.91
C ILE A 47 -9.49 41.35 -7.36
N TYR A 48 -9.65 42.64 -7.61
CA TYR A 48 -10.85 43.19 -8.21
C TYR A 48 -10.42 44.01 -9.42
N GLN A 49 -11.13 43.94 -10.52
CA GLN A 49 -10.95 44.69 -11.76
C GLN A 49 -9.63 44.33 -12.40
N ASP A 50 -9.44 43.05 -12.66
CA ASP A 50 -8.31 42.37 -13.34
C ASP A 50 -7.01 42.35 -12.52
N SER A 51 -6.51 43.49 -12.04
CA SER A 51 -5.24 43.57 -11.31
C SER A 51 -5.26 44.38 -10.02
N LYS A 52 -6.32 45.07 -9.62
CA LYS A 52 -6.25 45.89 -8.42
C LYS A 52 -6.39 45.02 -7.17
N ARG A 53 -5.55 45.27 -6.20
CA ARG A 53 -5.58 44.50 -4.96
C ARG A 53 -6.32 45.28 -3.87
N PRO A 54 -7.32 44.67 -3.22
CA PRO A 54 -7.92 45.31 -2.05
C PRO A 54 -6.88 45.43 -0.95
N SER A 55 -6.36 46.63 -0.69
CA SER A 55 -5.25 46.76 0.26
C SER A 55 -5.58 46.01 1.55
N GLY A 56 -4.67 45.09 1.93
CA GLY A 56 -4.96 44.01 2.85
C GLY A 56 -4.38 42.74 2.27
N ILE A 57 -3.90 42.82 1.01
CA ILE A 57 -3.48 41.68 0.23
C ILE A 57 -2.02 41.89 -0.15
N PRO A 58 -1.14 40.92 0.13
CA PRO A 58 0.29 41.13 -0.14
C PRO A 58 0.59 41.45 -1.59
N GLU A 59 1.74 42.08 -1.79
CA GLU A 59 2.16 42.48 -3.13
C GLU A 59 2.57 41.29 -3.99
N ARG A 60 2.84 40.14 -3.38
CA ARG A 60 3.21 38.98 -4.19
C ARG A 60 2.06 38.46 -5.03
N PHE A 61 0.83 38.91 -4.77
CA PHE A 61 -0.29 38.65 -5.66
C PHE A 61 -0.34 39.72 -6.75
N SER A 62 -0.66 39.30 -7.97
CA SER A 62 -0.83 40.22 -9.09
C SER A 62 -1.54 39.46 -10.20
N ALA A 63 -2.39 40.14 -10.96
CA ALA A 63 -3.21 39.44 -11.92
C ALA A 63 -3.31 40.22 -13.23
N SER A 64 -3.55 39.48 -14.31
CA SER A 64 -3.66 40.01 -15.65
C SER A 64 -4.94 39.49 -16.28
N ASN A 65 -5.35 40.13 -17.38
CA ASN A 65 -6.53 39.68 -18.11
C ASN A 65 -6.44 40.20 -19.54
N SER A 66 -6.26 39.31 -20.50
CA SER A 66 -6.17 39.71 -21.89
C SER A 66 -6.72 38.59 -22.78
N GLY A 67 -7.42 38.99 -23.84
CA GLY A 67 -7.95 38.03 -24.78
C GLY A 67 -8.96 37.11 -24.14
N ASN A 68 -8.56 35.86 -23.91
CA ASN A 68 -9.46 34.86 -23.34
C ASN A 68 -8.91 34.27 -22.06
N THR A 69 -7.94 34.92 -21.42
CA THR A 69 -7.32 34.35 -20.25
C THR A 69 -6.98 35.42 -19.21
N ALA A 70 -7.44 35.22 -17.99
CA ALA A 70 -7.02 35.99 -16.83
C ALA A 70 -6.12 35.09 -15.98
N THR A 71 -5.14 35.71 -15.31
CA THR A 71 -4.08 34.94 -14.67
C THR A 71 -3.72 35.58 -13.34
N LEU A 72 -3.93 34.83 -12.25
CA LEU A 72 -3.46 35.22 -10.93
C LEU A 72 -2.08 34.62 -10.72
N THR A 73 -1.12 35.47 -10.35
CA THR A 73 0.25 35.04 -10.13
C THR A 73 0.62 35.27 -8.68
N ILE A 74 1.19 34.25 -8.05
CA ILE A 74 1.68 34.33 -6.69
C ILE A 74 3.17 34.06 -6.74
N SER A 75 3.98 35.12 -6.69
CA SER A 75 5.42 34.97 -6.62
C SER A 75 5.84 34.71 -5.17
N GLY A 76 6.91 33.93 -5.00
CA GLY A 76 7.39 33.61 -3.68
C GLY A 76 6.31 32.99 -2.81
N THR A 77 5.67 31.95 -3.33
CA THR A 77 4.51 31.37 -2.66
C THR A 77 4.87 30.93 -1.24
N ARG A 78 4.18 31.49 -0.26
CA ARG A 78 4.31 31.10 1.13
C ARG A 78 3.34 29.95 1.44
N ALA A 79 3.54 29.31 2.59
CA ALA A 79 2.65 28.23 2.99
C ALA A 79 1.23 28.73 3.21
N MET A 80 1.10 29.90 3.83
CA MET A 80 -0.22 30.47 4.14
C MET A 80 -1.00 30.84 2.90
N ASP A 81 -0.44 30.67 1.71
CA ASP A 81 -1.18 30.87 0.47
C ASP A 81 -1.88 29.61 -0.01
N GLU A 82 -1.68 28.47 0.66
CA GLU A 82 -2.37 27.25 0.28
C GLU A 82 -3.87 27.47 0.42
N ALA A 83 -4.59 27.32 -0.69
CA ALA A 83 -6.03 27.55 -0.68
C ALA A 83 -6.60 27.31 -2.08
N ASP A 84 -7.91 27.51 -2.21
CA ASP A 84 -8.62 27.39 -3.48
C ASP A 84 -8.82 28.79 -4.03
N TYR A 85 -8.53 28.98 -5.31
CA TYR A 85 -8.58 30.30 -5.91
C TYR A 85 -9.61 30.29 -7.03
N TYR A 86 -10.61 31.16 -6.88
CA TYR A 86 -11.74 31.24 -7.80
C TYR A 86 -11.64 32.53 -8.59
N CYS A 87 -11.79 32.44 -9.90
CA CYS A 87 -11.98 33.62 -10.73
C CYS A 87 -13.47 33.91 -10.89
N GLN A 88 -13.78 35.11 -11.36
CA GLN A 88 -15.15 35.57 -11.35
C GLN A 88 -15.32 36.71 -12.35
N ALA A 89 -16.52 36.81 -12.91
CA ALA A 89 -16.84 37.86 -13.86
C ALA A 89 -18.33 38.12 -13.85
N TRP A 90 -18.76 39.11 -14.62
CA TRP A 90 -20.14 39.56 -14.69
C TRP A 90 -20.64 39.35 -16.11
N ASP A 91 -21.80 38.74 -16.26
CA ASP A 91 -22.33 38.45 -17.58
C ASP A 91 -23.83 38.23 -17.52
N SER A 92 -24.57 38.96 -18.34
CA SER A 92 -26.01 38.77 -18.50
C SER A 92 -26.71 38.79 -17.15
N ASN A 93 -26.41 39.82 -16.37
CA ASN A 93 -26.99 40.01 -15.03
C ASN A 93 -26.76 38.77 -14.16
N THR A 94 -25.52 38.28 -14.18
CA THR A 94 -25.13 37.09 -13.45
C THR A 94 -23.69 37.26 -13.00
N TYR A 95 -23.38 36.81 -11.78
CA TYR A 95 -22.00 36.60 -11.37
C TYR A 95 -21.60 35.18 -11.77
N VAL A 96 -20.45 35.04 -12.41
CA VAL A 96 -19.97 33.75 -12.89
C VAL A 96 -18.65 33.43 -12.20
N PHE A 97 -18.59 32.26 -11.58
CA PHE A 97 -17.38 31.80 -10.90
C PHE A 97 -16.74 30.66 -11.72
N GLY A 98 -15.41 30.61 -11.70
CA GLY A 98 -14.71 29.48 -12.26
C GLY A 98 -14.72 28.30 -11.33
N THR A 99 -14.33 27.13 -11.86
CA THR A 99 -14.38 25.90 -11.08
C THR A 99 -13.44 25.91 -9.88
N GLY A 100 -12.52 26.87 -9.80
CA GLY A 100 -11.58 26.91 -8.69
C GLY A 100 -10.35 26.05 -8.88
N THR A 101 -9.19 26.58 -8.49
CA THR A 101 -7.91 25.89 -8.58
C THR A 101 -7.36 25.73 -7.17
N ARG A 102 -7.23 24.49 -6.72
CA ARG A 102 -6.73 24.19 -5.38
C ARG A 102 -5.21 24.20 -5.42
N VAL A 103 -4.61 25.29 -4.97
CA VAL A 103 -3.16 25.43 -4.96
C VAL A 103 -2.62 24.77 -3.70
N ALA A 104 -1.80 23.73 -3.87
CA ALA A 104 -1.11 23.09 -2.77
C ALA A 104 0.33 23.61 -2.68
N VAL A 105 0.76 23.91 -1.45
CA VAL A 105 2.11 24.39 -1.19
C VAL A 105 2.85 23.27 -0.48
N LEU A 106 3.84 22.69 -1.14
CA LEU A 106 4.57 21.52 -0.63
C LEU A 106 5.56 21.99 0.43
N SER A 107 5.02 22.25 1.62
CA SER A 107 5.81 22.73 2.75
C SER A 107 6.24 21.61 3.71
N GLN A 108 5.98 20.37 3.36
CA GLN A 108 6.36 19.20 4.15
C GLN A 108 7.01 18.20 3.23
N PRO A 109 7.88 17.34 3.76
CA PRO A 109 8.46 16.28 2.94
C PRO A 109 7.44 15.16 2.73
N LYS A 110 7.56 14.46 1.61
CA LYS A 110 6.66 13.35 1.34
C LYS A 110 6.61 12.40 2.54
N ALA A 111 5.44 11.83 2.77
CA ALA A 111 5.22 10.89 3.85
C ALA A 111 4.28 9.81 3.34
N ASN A 112 4.64 8.54 3.58
CA ASN A 112 3.74 7.56 2.99
C ASN A 112 2.73 7.04 4.02
N PRO A 113 1.54 6.68 3.55
CA PRO A 113 0.44 6.40 4.46
C PRO A 113 0.66 5.14 5.28
N THR A 114 0.08 5.12 6.47
CA THR A 114 -0.12 3.91 7.24
C THR A 114 -1.54 3.44 6.98
N VAL A 115 -1.70 2.16 6.69
CA VAL A 115 -2.99 1.60 6.31
C VAL A 115 -3.42 0.58 7.35
N THR A 116 -4.63 0.75 7.87
CA THR A 116 -5.21 -0.18 8.84
C THR A 116 -6.56 -0.66 8.29
N LEU A 117 -6.72 -1.97 8.23
CA LEU A 117 -7.91 -2.59 7.64
C LEU A 117 -8.58 -3.47 8.70
N PHE A 118 -9.85 -3.19 8.99
CA PHE A 118 -10.60 -4.02 9.91
C PHE A 118 -11.65 -4.83 9.17
N PRO A 119 -11.87 -6.09 9.53
CA PRO A 119 -13.02 -6.85 8.99
C PRO A 119 -14.30 -6.45 9.69
N PRO A 120 -15.44 -6.94 9.22
CA PRO A 120 -16.71 -6.65 9.92
C PRO A 120 -16.74 -7.25 11.32
N SER A 121 -17.39 -6.54 12.23
CA SER A 121 -17.61 -7.05 13.57
C SER A 121 -18.57 -8.24 13.55
N SER A 122 -18.45 -9.08 14.60
CA SER A 122 -19.47 -10.10 14.80
C SER A 122 -20.82 -9.47 15.11
N GLU A 123 -20.81 -8.35 15.82
CA GLU A 123 -22.06 -7.67 16.14
C GLU A 123 -22.76 -7.18 14.89
N GLU A 124 -22.02 -6.56 13.98
CA GLU A 124 -22.63 -6.08 12.74
C GLU A 124 -23.17 -7.23 11.91
N LEU A 125 -22.46 -8.36 11.90
CA LEU A 125 -22.93 -9.49 11.12
C LEU A 125 -24.26 -10.02 11.68
N GLN A 126 -24.42 -9.96 13.01
CA GLN A 126 -25.72 -10.28 13.58
C GLN A 126 -26.80 -9.27 13.18
N ALA A 127 -26.40 -8.09 12.70
CA ALA A 127 -27.33 -7.11 12.14
C ALA A 127 -27.52 -7.30 10.63
N ASN A 128 -27.10 -8.45 10.10
CA ASN A 128 -27.09 -8.74 8.67
C ASN A 128 -26.50 -7.58 7.87
N LYS A 129 -25.38 -7.07 8.37
CA LYS A 129 -24.58 -6.08 7.65
C LYS A 129 -23.13 -6.50 7.70
N ALA A 130 -22.34 -5.99 6.75
CA ALA A 130 -20.91 -6.30 6.66
C ALA A 130 -20.19 -5.09 6.09
N THR A 131 -19.36 -4.46 6.91
CA THR A 131 -18.59 -3.29 6.49
C THR A 131 -17.10 -3.56 6.73
N LEU A 132 -16.31 -3.39 5.69
CA LEU A 132 -14.85 -3.41 5.78
C LEU A 132 -14.38 -1.97 5.88
N VAL A 133 -13.52 -1.67 6.85
CA VAL A 133 -13.08 -0.30 7.11
C VAL A 133 -11.58 -0.21 6.86
N CYS A 134 -11.20 0.66 5.92
CA CYS A 134 -9.81 0.87 5.57
C CYS A 134 -9.44 2.32 5.89
N LEU A 135 -8.52 2.50 6.83
CA LEU A 135 -8.17 3.82 7.37
C LEU A 135 -6.74 4.17 6.97
N ILE A 136 -6.59 5.36 6.39
CA ILE A 136 -5.36 5.78 5.71
C ILE A 136 -4.91 7.07 6.38
N SER A 137 -3.75 7.04 7.03
CA SER A 137 -3.31 8.17 7.84
C SER A 137 -1.85 8.52 7.60
N ASP A 138 -1.51 9.75 7.99
CA ASP A 138 -0.12 10.23 8.06
C ASP A 138 0.56 10.21 6.70
N PHE A 139 -0.12 10.69 5.66
CA PHE A 139 0.52 10.83 4.35
C PHE A 139 0.56 12.29 3.93
N TYR A 140 1.45 12.58 2.97
CA TYR A 140 1.70 13.91 2.42
C TYR A 140 2.43 13.74 1.09
N PRO A 141 2.01 14.41 -0.01
CA PRO A 141 0.87 15.35 -0.12
C PRO A 141 -0.47 14.66 0.08
N GLY A 142 -1.53 15.45 0.13
CA GLY A 142 -2.86 14.94 0.42
C GLY A 142 -3.56 14.31 -0.76
N ALA A 143 -3.00 13.23 -1.28
CA ALA A 143 -3.60 12.51 -2.40
C ALA A 143 -3.28 11.03 -2.28
N VAL A 144 -4.31 10.20 -2.40
CA VAL A 144 -4.16 8.75 -2.42
C VAL A 144 -5.21 8.21 -3.37
N THR A 145 -4.94 7.01 -3.90
CA THR A 145 -5.91 6.24 -4.65
C THR A 145 -6.12 4.92 -3.93
N VAL A 146 -7.38 4.49 -3.84
CA VAL A 146 -7.74 3.30 -3.07
C VAL A 146 -8.37 2.29 -4.01
N ALA A 147 -8.06 1.02 -3.80
CA ALA A 147 -8.53 -0.06 -4.65
C ALA A 147 -8.85 -1.26 -3.77
N TRP A 148 -10.07 -1.76 -3.89
CA TRP A 148 -10.52 -2.91 -3.12
C TRP A 148 -10.45 -4.17 -3.97
N LYS A 149 -10.14 -5.30 -3.33
CA LYS A 149 -10.04 -6.56 -4.03
C LYS A 149 -10.68 -7.64 -3.19
N ALA A 150 -11.38 -8.57 -3.87
CA ALA A 150 -11.95 -9.75 -3.25
C ALA A 150 -11.36 -10.96 -3.94
N ASP A 151 -10.62 -11.77 -3.19
CA ASP A 151 -9.87 -12.90 -3.76
C ASP A 151 -9.03 -12.44 -4.96
N GLY A 152 -8.48 -11.23 -4.86
CA GLY A 152 -7.64 -10.67 -5.90
C GLY A 152 -8.37 -9.87 -6.96
N SER A 153 -9.69 -9.92 -7.00
CA SER A 153 -10.44 -9.31 -8.09
C SER A 153 -10.84 -7.88 -7.74
N PRO A 154 -10.73 -6.94 -8.68
CA PRO A 154 -11.10 -5.56 -8.36
C PRO A 154 -12.57 -5.44 -8.04
N VAL A 155 -12.87 -4.73 -6.94
CA VAL A 155 -14.24 -4.50 -6.47
C VAL A 155 -14.49 -2.99 -6.50
N LYS A 156 -15.56 -2.59 -7.19
CA LYS A 156 -15.98 -1.19 -7.23
C LYS A 156 -17.34 -0.95 -6.58
N ALA A 157 -18.17 -1.98 -6.44
CA ALA A 157 -19.51 -1.82 -5.88
C ALA A 157 -19.43 -1.81 -4.37
N GLY A 158 -20.12 -0.86 -3.75
CA GLY A 158 -20.15 -0.76 -2.31
C GLY A 158 -19.00 -0.01 -1.69
N VAL A 159 -18.22 0.71 -2.50
CA VAL A 159 -17.05 1.42 -2.03
C VAL A 159 -17.41 2.90 -1.85
N GLU A 160 -17.05 3.45 -0.69
CA GLU A 160 -17.22 4.87 -0.40
C GLU A 160 -15.92 5.36 0.22
N THR A 161 -15.25 6.29 -0.44
CA THR A 161 -13.95 6.78 0.00
C THR A 161 -14.01 8.29 0.19
N THR A 162 -13.53 8.75 1.34
CA THR A 162 -13.53 10.18 1.61
C THR A 162 -12.37 10.85 0.90
N LYS A 163 -12.52 12.16 0.66
CA LYS A 163 -11.41 12.98 0.25
C LYS A 163 -10.43 13.14 1.42
N PRO A 164 -9.17 13.48 1.13
CA PRO A 164 -8.20 13.66 2.23
C PRO A 164 -8.53 14.88 3.07
N SER A 165 -8.10 14.82 4.33
CA SER A 165 -8.37 15.83 5.34
C SER A 165 -7.09 16.09 6.12
N LYS A 166 -6.70 17.35 6.23
CA LYS A 166 -5.53 17.69 7.04
C LYS A 166 -5.81 17.33 8.49
N GLN A 167 -4.90 16.56 9.08
CA GLN A 167 -4.99 16.23 10.50
C GLN A 167 -4.12 17.20 11.30
N SER A 168 -4.12 17.02 12.62
CA SER A 168 -3.51 18.00 13.51
C SER A 168 -2.09 18.35 13.10
N ASN A 169 -1.31 17.36 12.64
CA ASN A 169 0.10 17.58 12.33
C ASN A 169 0.34 17.89 10.86
N ASN A 170 -0.64 18.44 10.17
CA ASN A 170 -0.53 18.91 8.79
C ASN A 170 -0.22 17.80 7.80
N LYS A 171 -0.29 16.55 8.23
CA LYS A 171 -0.37 15.43 7.31
C LYS A 171 -1.84 15.20 6.96
N TYR A 172 -2.11 14.23 6.10
CA TYR A 172 -3.45 13.99 5.61
C TYR A 172 -3.94 12.60 6.02
N ALA A 173 -5.25 12.49 6.16
CA ALA A 173 -5.92 11.23 6.48
C ALA A 173 -7.08 11.05 5.52
N ALA A 174 -7.44 9.78 5.29
CA ALA A 174 -8.60 9.42 4.49
C ALA A 174 -9.13 8.08 4.97
N SER A 175 -10.33 7.73 4.52
CA SER A 175 -10.94 6.46 4.88
C SER A 175 -11.72 5.92 3.69
N SER A 176 -11.74 4.60 3.58
CA SER A 176 -12.49 3.92 2.54
C SER A 176 -13.32 2.81 3.18
N TYR A 177 -14.54 2.63 2.68
CA TYR A 177 -15.49 1.66 3.19
C TYR A 177 -15.95 0.76 2.05
N LEU A 178 -16.12 -0.53 2.36
CA LEU A 178 -16.68 -1.51 1.43
C LEU A 178 -17.86 -2.18 2.10
N SER A 179 -19.07 -1.92 1.59
CA SER A 179 -20.29 -2.51 2.12
C SER A 179 -20.57 -3.81 1.40
N LEU A 180 -20.80 -4.87 2.18
CA LEU A 180 -21.10 -6.19 1.65
C LEU A 180 -22.28 -6.77 2.40
N THR A 181 -22.85 -7.82 1.85
CA THR A 181 -23.74 -8.68 2.62
C THR A 181 -22.91 -9.60 3.50
N PRO A 182 -23.47 -10.10 4.61
CA PRO A 182 -22.76 -11.15 5.35
C PRO A 182 -22.50 -12.39 4.52
N GLU A 183 -23.33 -12.68 3.51
CA GLU A 183 -23.08 -13.83 2.65
C GLU A 183 -21.89 -13.57 1.71
N GLN A 184 -21.85 -12.39 1.09
CA GLN A 184 -20.68 -12.00 0.32
C GLN A 184 -19.42 -12.10 1.16
N TRP A 185 -19.42 -11.48 2.35
CA TRP A 185 -18.21 -11.49 3.20
C TRP A 185 -17.71 -12.91 3.42
N LYS A 186 -18.60 -13.85 3.69
CA LYS A 186 -18.18 -15.22 3.95
C LYS A 186 -17.93 -16.02 2.67
N SER A 187 -18.43 -15.56 1.52
CA SER A 187 -18.24 -16.36 0.31
C SER A 187 -16.80 -16.29 -0.18
N HIS A 188 -16.10 -15.18 0.03
CA HIS A 188 -14.72 -15.06 -0.42
C HIS A 188 -13.75 -15.45 0.69
N ARG A 189 -12.53 -15.81 0.27
CA ARG A 189 -11.50 -16.22 1.21
C ARG A 189 -10.69 -15.05 1.76
N SER A 190 -10.59 -13.95 1.01
CA SER A 190 -9.91 -12.77 1.53
C SER A 190 -10.39 -11.53 0.79
N TYR A 191 -10.30 -10.39 1.47
CA TYR A 191 -10.55 -9.08 0.92
C TYR A 191 -9.31 -8.23 1.14
N SER A 192 -9.15 -7.19 0.31
CA SER A 192 -7.92 -6.42 0.30
C SER A 192 -8.20 -4.94 0.07
N CYS A 193 -7.50 -4.10 0.82
CA CYS A 193 -7.49 -2.66 0.62
C CYS A 193 -6.10 -2.25 0.16
N GLN A 194 -6.00 -1.71 -1.04
CA GLN A 194 -4.73 -1.30 -1.62
C GLN A 194 -4.70 0.22 -1.76
N VAL A 195 -3.68 0.85 -1.19
CA VAL A 195 -3.54 2.30 -1.17
C VAL A 195 -2.27 2.68 -1.91
N THR A 196 -2.40 3.56 -2.90
CA THR A 196 -1.28 4.05 -3.68
C THR A 196 -1.00 5.50 -3.31
N HIS A 197 0.29 5.84 -3.22
CA HIS A 197 0.70 7.19 -2.88
C HIS A 197 2.10 7.45 -3.43
N GLU A 198 2.24 8.52 -4.20
CA GLU A 198 3.53 8.88 -4.80
C GLU A 198 4.21 7.65 -5.37
N GLY A 199 3.43 6.89 -6.14
CA GLY A 199 3.96 5.71 -6.81
C GLY A 199 4.09 4.47 -5.95
N SER A 200 4.34 4.66 -4.66
CA SER A 200 4.48 3.52 -3.74
C SER A 200 3.11 3.04 -3.28
N THR A 201 2.95 1.72 -3.19
CA THR A 201 1.67 1.13 -2.88
C THR A 201 1.75 0.27 -1.62
N VAL A 202 0.66 0.27 -0.86
CA VAL A 202 0.52 -0.51 0.37
C VAL A 202 -0.80 -1.26 0.30
N GLU A 203 -0.78 -2.53 0.70
CA GLU A 203 -1.99 -3.34 0.66
C GLU A 203 -2.09 -4.21 1.90
N LYS A 204 -3.23 -4.16 2.57
CA LYS A 204 -3.55 -5.03 3.69
C LYS A 204 -4.65 -6.00 3.29
N THR A 205 -4.76 -7.08 4.03
CA THR A 205 -5.68 -8.16 3.69
C THR A 205 -6.33 -8.71 4.95
N VAL A 206 -7.64 -8.91 4.89
CA VAL A 206 -8.39 -9.58 5.95
C VAL A 206 -9.12 -10.77 5.34
N ALA A 207 -9.63 -11.64 6.22
CA ALA A 207 -10.33 -12.84 5.80
C ALA A 207 -11.30 -13.24 6.91
N PRO A 208 -12.38 -13.94 6.59
CA PRO A 208 -13.25 -14.49 7.65
C PRO A 208 -12.48 -15.47 8.51
N THR A 209 -12.44 -15.20 9.81
CA THR A 209 -11.76 -16.08 10.76
C THR A 209 -12.76 -16.64 11.78
N VAL B 2 -17.11 45.66 9.69
CA VAL B 2 -18.08 45.13 8.73
C VAL B 2 -18.38 43.66 9.00
N GLN B 3 -19.65 43.35 9.30
CA GLN B 3 -20.04 41.98 9.61
C GLN B 3 -21.39 41.65 8.97
N LEU B 4 -21.49 40.41 8.48
CA LEU B 4 -22.71 39.92 7.83
C LEU B 4 -23.02 38.56 8.44
N VAL B 5 -24.06 38.49 9.27
CA VAL B 5 -24.35 37.33 10.09
C VAL B 5 -25.60 36.64 9.54
N GLU B 6 -25.42 35.46 8.97
CA GLU B 6 -26.54 34.69 8.46
C GLU B 6 -27.17 33.85 9.55
N SER B 7 -28.41 33.44 9.31
CA SER B 7 -29.13 32.57 10.23
C SER B 7 -30.29 31.95 9.45
N GLY B 8 -31.06 31.11 10.13
CA GLY B 8 -32.20 30.46 9.51
C GLY B 8 -31.89 29.14 8.85
N GLY B 9 -30.62 28.77 8.73
CA GLY B 9 -30.28 27.51 8.10
C GLY B 9 -30.68 26.31 8.95
N GLY B 10 -31.00 25.22 8.27
CA GLY B 10 -31.27 23.97 8.95
C GLY B 10 -31.55 22.87 7.95
N LEU B 11 -32.09 21.77 8.48
CA LEU B 11 -32.46 20.63 7.66
C LEU B 11 -33.93 20.73 7.26
N VAL B 12 -34.25 20.16 6.10
CA VAL B 12 -35.59 20.18 5.56
C VAL B 12 -35.66 19.13 4.46
N GLN B 13 -36.87 18.74 4.08
CA GLN B 13 -37.11 17.68 3.09
C GLN B 13 -37.46 18.27 1.73
N PRO B 14 -37.20 17.53 0.64
CA PRO B 14 -37.54 18.03 -0.69
C PRO B 14 -38.98 18.50 -0.75
N GLY B 15 -39.20 19.64 -1.41
CA GLY B 15 -40.50 20.26 -1.47
C GLY B 15 -40.74 21.32 -0.42
N GLY B 16 -39.93 21.34 0.64
CA GLY B 16 -40.15 22.24 1.75
C GLY B 16 -39.70 23.65 1.43
N SER B 17 -39.69 24.48 2.47
CA SER B 17 -39.37 25.89 2.35
C SER B 17 -38.59 26.35 3.58
N LEU B 18 -37.83 27.42 3.39
CA LEU B 18 -36.92 27.93 4.40
C LEU B 18 -36.72 29.42 4.15
N ARG B 19 -36.42 30.15 5.21
CA ARG B 19 -36.20 31.60 5.14
C ARG B 19 -34.88 31.93 5.81
N LEU B 20 -33.90 32.33 5.01
CA LEU B 20 -32.60 32.74 5.50
C LEU B 20 -32.61 34.23 5.81
N SER B 21 -31.81 34.61 6.80
CA SER B 21 -31.69 36.01 7.22
C SER B 21 -30.22 36.41 7.20
N CYS B 22 -29.96 37.72 7.16
CA CYS B 22 -28.60 38.25 7.20
C CYS B 22 -28.68 39.66 7.78
N VAL B 23 -28.03 39.88 8.92
CA VAL B 23 -28.01 41.18 9.58
C VAL B 23 -26.65 41.81 9.33
N ALA B 24 -26.66 42.97 8.70
CA ALA B 24 -25.45 43.68 8.33
C ALA B 24 -25.15 44.78 9.34
N SER B 25 -23.87 44.98 9.63
CA SER B 25 -23.42 46.07 10.47
C SER B 25 -22.03 46.46 10.00
N GLY B 26 -21.58 47.65 10.43
CA GLY B 26 -20.25 48.13 10.11
C GLY B 26 -20.14 48.92 8.84
N PHE B 27 -21.25 49.26 8.20
CA PHE B 27 -21.24 50.07 6.99
C PHE B 27 -22.65 50.60 6.78
N ASN B 28 -22.81 51.44 5.76
CA ASN B 28 -24.10 52.05 5.44
C ASN B 28 -24.86 51.07 4.54
N PHE B 29 -25.83 50.35 5.12
CA PHE B 29 -26.56 49.31 4.38
C PHE B 29 -27.29 49.89 3.18
N THR B 30 -27.75 51.14 3.26
CA THR B 30 -28.63 51.70 2.25
C THR B 30 -27.90 52.16 0.99
N THR B 31 -26.61 51.89 0.85
CA THR B 31 -25.87 52.29 -0.35
C THR B 31 -25.13 51.13 -0.98
N TYR B 32 -25.39 49.90 -0.60
CA TYR B 32 -24.67 48.77 -1.20
C TYR B 32 -25.69 47.74 -1.71
N SER B 33 -25.46 47.17 -2.87
CA SER B 33 -26.28 46.05 -3.34
C SER B 33 -25.86 44.78 -2.58
N MET B 34 -26.73 43.83 -2.31
CA MET B 34 -26.38 42.62 -1.55
C MET B 34 -26.60 41.39 -2.39
N ASN B 35 -25.91 40.32 -2.06
CA ASN B 35 -25.97 39.06 -2.82
C ASN B 35 -26.11 37.83 -1.93
N TRP B 36 -26.62 36.75 -2.48
CA TRP B 36 -26.54 35.43 -1.89
C TRP B 36 -25.69 34.56 -2.81
N VAL B 37 -24.66 33.93 -2.26
CA VAL B 37 -23.87 32.92 -2.95
C VAL B 37 -23.90 31.65 -2.11
N ARG B 38 -23.98 30.50 -2.78
CA ARG B 38 -24.03 29.23 -2.07
C ARG B 38 -22.88 28.35 -2.53
N GLN B 39 -22.60 27.32 -1.73
CA GLN B 39 -21.51 26.40 -2.01
C GLN B 39 -21.90 25.02 -1.50
N ALA B 40 -22.11 24.10 -2.43
CA ALA B 40 -22.36 22.72 -2.05
C ALA B 40 -21.14 22.18 -1.29
N PRO B 41 -21.36 21.29 -0.33
CA PRO B 41 -20.23 20.76 0.45
C PRO B 41 -19.12 20.20 -0.44
N GLY B 42 -17.92 20.73 -0.29
CA GLY B 42 -16.79 20.25 -1.06
C GLY B 42 -16.76 20.61 -2.52
N LYS B 43 -17.58 21.55 -2.96
CA LYS B 43 -17.61 21.95 -4.37
C LYS B 43 -17.39 23.46 -4.46
N GLY B 44 -17.78 24.02 -5.61
CA GLY B 44 -17.43 25.38 -5.95
C GLY B 44 -18.48 26.39 -5.55
N LEU B 45 -18.21 27.65 -5.92
CA LEU B 45 -19.10 28.76 -5.62
C LEU B 45 -20.12 28.95 -6.73
N GLU B 46 -21.36 29.21 -6.33
CA GLU B 46 -22.46 29.42 -7.27
C GLU B 46 -23.28 30.59 -6.78
N TRP B 47 -23.29 31.67 -7.56
CA TRP B 47 -24.12 32.83 -7.21
C TRP B 47 -25.59 32.46 -7.29
N VAL B 48 -26.40 33.13 -6.47
CA VAL B 48 -27.80 32.79 -6.28
C VAL B 48 -28.72 33.96 -6.64
N SER B 49 -28.51 35.12 -6.02
CA SER B 49 -29.40 36.24 -6.29
C SER B 49 -28.78 37.55 -5.87
N TYR B 50 -29.23 38.63 -6.52
CA TYR B 50 -28.74 40.00 -6.31
C TYR B 50 -29.91 40.93 -6.02
N ILE B 51 -29.65 41.92 -5.18
CA ILE B 51 -30.64 42.90 -4.78
C ILE B 51 -29.95 44.25 -4.64
N SER B 52 -30.48 45.27 -5.29
CA SER B 52 -29.92 46.60 -5.23
C SER B 52 -30.27 47.26 -3.89
N SER B 53 -29.70 48.45 -3.67
CA SER B 53 -29.78 49.07 -2.36
C SER B 53 -31.21 49.42 -1.97
N HIS B 54 -32.06 49.75 -2.93
CA HIS B 54 -33.46 50.08 -2.66
C HIS B 54 -34.40 49.11 -3.38
N SER B 55 -33.90 47.91 -3.66
CA SER B 55 -34.72 46.77 -4.07
C SER B 55 -35.46 47.02 -5.38
N ASN B 56 -34.93 47.89 -6.26
CA ASN B 56 -35.55 48.10 -7.56
C ASN B 56 -34.88 47.32 -8.67
N LEU B 57 -33.84 46.54 -8.37
CA LEU B 57 -33.18 45.70 -9.37
C LEU B 57 -32.84 44.37 -8.74
N ILE B 58 -33.44 43.30 -9.24
CA ILE B 58 -33.33 41.96 -8.68
C ILE B 58 -32.96 40.99 -9.79
N TYR B 59 -32.02 40.09 -9.50
CA TYR B 59 -31.61 39.07 -10.44
C TYR B 59 -31.48 37.72 -9.74
N TYR B 60 -31.81 36.65 -10.46
CA TYR B 60 -31.68 35.29 -9.96
C TYR B 60 -30.89 34.45 -10.95
N ALA B 61 -30.20 33.43 -10.49
CA ALA B 61 -29.55 32.46 -11.37
C ALA B 61 -30.67 31.57 -11.93
N THR B 62 -30.50 31.05 -13.14
CA THR B 62 -31.51 30.22 -13.83
C THR B 62 -31.89 29.07 -12.91
N SER B 63 -30.91 28.50 -12.24
CA SER B 63 -31.08 27.36 -11.30
C SER B 63 -32.02 27.66 -10.14
N VAL B 64 -32.27 28.90 -9.77
CA VAL B 64 -33.15 29.26 -8.65
C VAL B 64 -34.37 30.13 -9.05
N LYS B 65 -34.45 30.68 -10.28
CA LYS B 65 -35.52 31.62 -10.69
C LYS B 65 -36.89 30.95 -10.55
N GLY B 66 -37.82 31.53 -9.78
CA GLY B 66 -39.16 31.00 -9.57
C GLY B 66 -39.32 30.30 -8.23
N ARG B 67 -38.24 29.88 -7.60
CA ARG B 67 -38.28 29.17 -6.32
C ARG B 67 -37.77 30.01 -5.15
N PHE B 68 -36.71 30.77 -5.34
CA PHE B 68 -36.17 31.62 -4.29
C PHE B 68 -36.52 33.08 -4.57
N THR B 69 -36.67 33.86 -3.50
CA THR B 69 -37.01 35.27 -3.63
C THR B 69 -36.16 36.09 -2.67
N ILE B 70 -35.46 37.07 -3.22
CA ILE B 70 -34.59 37.94 -2.43
C ILE B 70 -35.37 39.17 -2.00
N SER B 71 -35.07 39.66 -0.81
CA SER B 71 -35.78 40.77 -0.19
C SER B 71 -34.83 41.41 0.82
N ARG B 72 -35.07 42.68 1.12
CA ARG B 72 -34.30 43.32 2.17
C ARG B 72 -35.14 44.40 2.84
N ASP B 73 -34.79 44.70 4.10
CA ASP B 73 -35.52 45.64 4.96
C ASP B 73 -34.48 46.64 5.48
N ASN B 74 -34.19 47.67 4.68
CA ASN B 74 -33.05 48.51 4.97
C ASN B 74 -33.16 49.23 6.30
N ALA B 75 -34.36 49.34 6.87
CA ALA B 75 -34.48 49.92 8.20
C ALA B 75 -34.02 48.95 9.28
N LYS B 76 -34.17 47.65 9.06
CA LYS B 76 -33.66 46.61 9.96
C LYS B 76 -32.28 46.11 9.52
N ASN B 77 -31.66 46.76 8.54
CA ASN B 77 -30.35 46.37 8.02
C ASN B 77 -30.27 44.87 7.77
N SER B 78 -31.31 44.32 7.13
CA SER B 78 -31.42 42.87 6.99
C SER B 78 -31.64 42.48 5.53
N LEU B 79 -31.10 41.30 5.19
CA LEU B 79 -31.23 40.70 3.87
C LEU B 79 -31.81 39.30 4.04
N TYR B 80 -32.86 39.00 3.29
CA TYR B 80 -33.59 37.75 3.41
C TYR B 80 -33.49 36.97 2.11
N LEU B 81 -33.76 35.67 2.18
CA LEU B 81 -33.93 34.85 0.99
C LEU B 81 -34.99 33.80 1.31
N GLN B 82 -36.15 33.93 0.68
CA GLN B 82 -37.23 32.97 0.82
C GLN B 82 -36.98 31.83 -0.17
N MET B 83 -36.85 30.62 0.36
CA MET B 83 -36.53 29.43 -0.43
C MET B 83 -37.74 28.52 -0.40
N ASN B 84 -38.28 28.22 -1.59
CA ASN B 84 -39.46 27.38 -1.71
C ASN B 84 -39.20 26.28 -2.73
N SER B 85 -40.02 25.23 -2.65
CA SER B 85 -39.92 24.09 -3.55
C SER B 85 -38.49 23.55 -3.57
N LEU B 86 -37.93 23.39 -2.37
CA LEU B 86 -36.53 23.03 -2.25
C LEU B 86 -36.26 21.65 -2.85
N ARG B 87 -35.05 21.48 -3.36
CA ARG B 87 -34.58 20.25 -3.97
C ARG B 87 -33.31 19.78 -3.25
N ALA B 88 -32.97 18.52 -3.48
CA ALA B 88 -31.75 17.97 -2.87
C ALA B 88 -30.52 18.81 -3.20
N GLU B 89 -30.36 19.16 -4.49
CA GLU B 89 -29.14 19.84 -4.92
C GLU B 89 -29.06 21.29 -4.43
N ASP B 90 -30.10 21.81 -3.81
CA ASP B 90 -29.98 23.08 -3.10
C ASP B 90 -29.22 22.93 -1.79
N THR B 91 -28.70 21.74 -1.49
CA THR B 91 -27.94 21.54 -0.26
C THR B 91 -26.60 22.23 -0.40
N ALA B 92 -26.35 23.22 0.46
CA ALA B 92 -25.18 24.06 0.34
C ALA B 92 -25.08 24.93 1.58
N LEU B 93 -23.92 25.56 1.75
CA LEU B 93 -23.75 26.65 2.69
C LEU B 93 -24.11 27.94 1.95
N TYR B 94 -24.97 28.75 2.56
CA TYR B 94 -25.48 29.95 1.91
C TYR B 94 -24.83 31.17 2.53
N TYR B 95 -24.01 31.85 1.73
CA TYR B 95 -23.28 33.03 2.13
C TYR B 95 -24.05 34.28 1.73
N CYS B 96 -24.17 35.24 2.66
CA CYS B 96 -24.67 36.58 2.38
C CYS B 96 -23.45 37.49 2.23
N ALA B 97 -23.26 38.04 1.02
CA ALA B 97 -22.03 38.73 0.67
C ALA B 97 -22.38 40.04 0.00
N ARG B 98 -21.62 41.07 0.31
CA ARG B 98 -21.94 42.43 -0.10
C ARG B 98 -21.49 42.69 -1.52
N GLY B 99 -22.32 43.41 -2.27
CA GLY B 99 -22.02 43.81 -3.63
C GLY B 99 -21.41 45.20 -3.69
N GLY B 100 -21.49 45.81 -4.88
CA GLY B 100 -20.88 47.10 -5.10
C GLY B 100 -21.78 48.27 -4.75
N SER B 101 -21.14 49.43 -4.55
CA SER B 101 -21.84 50.69 -4.33
C SER B 101 -22.21 51.38 -5.63
N LEU B 102 -21.85 50.81 -6.77
CA LEU B 102 -22.40 51.18 -8.07
C LEU B 102 -22.86 49.90 -8.75
N HIS B 103 -23.73 50.06 -9.75
CA HIS B 103 -24.29 48.89 -10.40
C HIS B 103 -23.19 48.07 -11.06
N PRO B 104 -23.30 46.73 -11.03
CA PRO B 104 -22.25 45.90 -11.65
C PRO B 104 -21.98 46.21 -13.12
N SER B 105 -22.99 46.72 -13.84
CA SER B 105 -22.76 47.10 -15.23
C SER B 105 -21.77 48.26 -15.35
N ALA B 106 -21.51 48.96 -14.24
CA ALA B 106 -20.60 50.10 -14.22
C ALA B 106 -19.25 49.74 -13.61
N GLY B 107 -18.93 48.45 -13.51
CA GLY B 107 -17.63 47.99 -13.09
C GLY B 107 -17.57 47.48 -11.68
N ALA B 108 -18.46 47.93 -10.79
CA ALA B 108 -18.48 47.46 -9.41
C ALA B 108 -19.06 46.04 -9.34
N ASP B 109 -18.36 45.12 -9.98
CA ASP B 109 -18.89 43.79 -10.27
C ASP B 109 -18.17 42.67 -9.52
N TRP B 110 -17.75 42.92 -8.29
CA TRP B 110 -17.15 41.91 -7.42
C TRP B 110 -17.95 41.82 -6.13
N ILE B 111 -17.54 40.90 -5.26
CA ILE B 111 -18.25 40.58 -4.03
C ILE B 111 -17.27 40.67 -2.88
N ASP B 112 -17.59 41.48 -1.88
CA ASP B 112 -16.66 41.73 -0.78
C ASP B 112 -17.36 42.59 0.26
N PRO B 113 -17.36 42.19 1.55
CA PRO B 113 -16.86 40.91 2.11
C PRO B 113 -17.92 39.81 2.02
N TRP B 114 -17.64 38.67 2.65
CA TRP B 114 -18.59 37.56 2.74
C TRP B 114 -18.84 37.24 4.21
N GLY B 115 -19.91 36.50 4.46
CA GLY B 115 -20.23 36.03 5.79
C GLY B 115 -19.80 34.59 6.02
N GLN B 116 -19.85 34.17 7.28
CA GLN B 116 -19.49 32.80 7.63
C GLN B 116 -20.46 31.78 7.03
N GLY B 117 -21.68 32.20 6.70
CA GLY B 117 -22.64 31.34 6.04
C GLY B 117 -23.54 30.60 7.03
N THR B 118 -24.61 30.03 6.47
CA THR B 118 -25.54 29.21 7.22
C THR B 118 -25.84 27.98 6.38
N LEU B 119 -25.81 26.82 7.01
CA LEU B 119 -25.93 25.57 6.28
C LEU B 119 -27.39 25.22 6.05
N VAL B 120 -27.67 24.74 4.85
CA VAL B 120 -29.00 24.27 4.47
C VAL B 120 -28.83 22.89 3.87
N THR B 121 -29.37 21.88 4.53
CA THR B 121 -29.34 20.50 4.06
C THR B 121 -30.75 20.12 3.64
N VAL B 122 -30.92 19.73 2.38
CA VAL B 122 -32.20 19.31 1.84
C VAL B 122 -32.07 17.82 1.53
N SER B 123 -32.74 16.98 2.33
CA SER B 123 -32.56 15.55 2.24
C SER B 123 -33.86 14.81 2.53
N SER B 124 -34.02 13.68 1.84
CA SER B 124 -35.14 12.78 2.09
C SER B 124 -35.02 12.05 3.41
N ALA B 125 -33.81 11.98 3.97
CA ALA B 125 -33.59 11.16 5.15
C ALA B 125 -34.13 11.84 6.41
N SER B 126 -34.55 11.02 7.36
CA SER B 126 -34.96 11.48 8.67
C SER B 126 -33.81 11.32 9.66
N THR B 127 -33.83 12.13 10.71
CA THR B 127 -32.85 12.00 11.77
C THR B 127 -32.84 10.56 12.30
N LYS B 128 -31.64 10.03 12.49
CA LYS B 128 -31.46 8.68 12.98
C LYS B 128 -30.13 8.63 13.72
N GLY B 129 -30.11 7.95 14.86
CA GLY B 129 -28.90 7.78 15.61
C GLY B 129 -28.05 6.68 15.02
N PRO B 130 -26.77 6.64 15.38
CA PRO B 130 -25.88 5.59 14.86
C PRO B 130 -25.92 4.28 15.63
N SER B 131 -25.62 3.21 14.90
CA SER B 131 -25.16 1.98 15.50
C SER B 131 -23.64 2.04 15.57
N VAL B 132 -23.08 1.61 16.70
CA VAL B 132 -21.65 1.70 16.97
C VAL B 132 -21.10 0.29 17.08
N PHE B 133 -20.18 -0.06 16.20
CA PHE B 133 -19.60 -1.39 16.22
C PHE B 133 -18.11 -1.33 16.53
N PRO B 134 -17.58 -2.34 17.23
CA PRO B 134 -16.17 -2.29 17.64
C PRO B 134 -15.24 -2.79 16.53
N LEU B 135 -14.17 -2.04 16.30
CA LEU B 135 -13.06 -2.47 15.43
C LEU B 135 -11.97 -3.04 16.36
N ALA B 136 -11.97 -4.35 16.50
CA ALA B 136 -11.19 -5.00 17.54
C ALA B 136 -9.72 -5.15 17.15
N PRO B 137 -8.83 -5.06 18.14
CA PRO B 137 -7.41 -5.29 17.84
C PRO B 137 -7.16 -6.73 17.44
N SER B 138 -6.12 -6.92 16.62
CA SER B 138 -5.85 -8.22 16.02
C SER B 138 -4.35 -8.36 15.79
N SER B 139 -3.97 -9.57 15.34
CA SER B 139 -2.66 -9.79 14.76
C SER B 139 -2.42 -8.90 13.54
N LYS B 140 -3.46 -8.68 12.72
CA LYS B 140 -3.33 -7.87 11.52
C LYS B 140 -3.27 -6.38 11.85
N SER B 141 -3.73 -6.00 13.05
CA SER B 141 -3.69 -4.64 13.56
C SER B 141 -2.49 -4.35 14.44
N THR B 142 -1.66 -5.36 14.71
CA THR B 142 -0.51 -5.21 15.57
C THR B 142 0.66 -4.73 14.72
N SER B 143 1.05 -3.47 14.91
CA SER B 143 2.16 -2.90 14.17
C SER B 143 3.51 -3.21 14.80
N GLY B 144 3.57 -4.13 15.77
CA GLY B 144 4.77 -4.35 16.54
C GLY B 144 5.00 -3.23 17.53
N GLY B 145 4.76 -3.51 18.80
CA GLY B 145 4.86 -2.48 19.84
C GLY B 145 3.57 -1.69 20.03
N THR B 146 3.05 -1.11 18.95
CA THR B 146 1.76 -0.44 18.95
C THR B 146 0.69 -1.36 18.36
N ALA B 147 -0.56 -1.08 18.71
CA ALA B 147 -1.70 -1.77 18.16
C ALA B 147 -2.80 -0.74 17.89
N ALA B 148 -3.69 -1.07 16.97
CA ALA B 148 -4.79 -0.17 16.60
C ALA B 148 -6.14 -0.85 16.85
N LEU B 149 -7.06 -0.08 17.43
CA LEU B 149 -8.44 -0.48 17.62
C LEU B 149 -9.31 0.74 17.36
N GLY B 150 -10.61 0.52 17.19
CA GLY B 150 -11.45 1.63 16.82
C GLY B 150 -12.93 1.34 17.03
N CYS B 151 -13.75 2.27 16.51
CA CYS B 151 -15.21 2.18 16.56
C CYS B 151 -15.75 2.59 15.20
N LEU B 152 -16.68 1.82 14.68
CA LEU B 152 -17.42 2.16 13.47
C LEU B 152 -18.76 2.78 13.88
N VAL B 153 -18.96 4.04 13.49
CA VAL B 153 -20.18 4.78 13.81
C VAL B 153 -21.00 4.81 12.53
N LYS B 154 -22.05 3.99 12.48
CA LYS B 154 -22.70 3.61 11.24
C LYS B 154 -24.13 4.12 11.15
N ASP B 155 -24.47 4.70 10.00
CA ASP B 155 -25.86 4.96 9.59
C ASP B 155 -26.53 5.99 10.51
N TYR B 156 -25.97 7.19 10.52
CA TYR B 156 -26.59 8.29 11.25
C TYR B 156 -26.84 9.46 10.29
N PHE B 157 -27.71 10.36 10.73
CA PHE B 157 -28.06 11.54 9.95
C PHE B 157 -28.77 12.52 10.87
N PRO B 158 -28.51 13.83 10.77
CA PRO B 158 -27.48 14.48 9.93
C PRO B 158 -26.18 14.55 10.70
N GLU B 159 -25.16 15.20 10.12
CA GLU B 159 -23.95 15.49 10.86
C GLU B 159 -24.28 16.41 12.04
N PRO B 160 -23.42 16.45 13.06
CA PRO B 160 -22.20 15.67 13.26
C PRO B 160 -22.30 14.68 14.40
N VAL B 161 -21.31 13.79 14.51
CA VAL B 161 -21.12 12.99 15.70
C VAL B 161 -19.72 13.31 16.21
N THR B 162 -19.54 13.26 17.53
CA THR B 162 -18.22 13.37 18.14
C THR B 162 -17.85 12.03 18.75
N VAL B 163 -16.55 11.73 18.76
CA VAL B 163 -16.04 10.50 19.35
C VAL B 163 -14.92 10.87 20.31
N SER B 164 -15.05 10.44 21.56
CA SER B 164 -14.00 10.47 22.55
C SER B 164 -13.61 9.04 22.89
N TRP B 165 -12.46 8.88 23.54
CA TRP B 165 -12.00 7.57 24.01
C TRP B 165 -11.79 7.63 25.50
N ASN B 166 -12.29 6.62 26.21
CA ASN B 166 -12.28 6.60 27.67
C ASN B 166 -12.80 7.93 28.22
N SER B 167 -13.87 8.42 27.59
CA SER B 167 -14.54 9.66 27.94
C SER B 167 -13.61 10.86 27.91
N GLY B 168 -12.52 10.79 27.14
CA GLY B 168 -11.64 11.92 26.94
C GLY B 168 -10.28 11.80 27.58
N ALA B 169 -10.08 10.82 28.46
CA ALA B 169 -8.77 10.60 29.05
C ALA B 169 -7.73 10.24 27.99
N LEU B 170 -8.11 9.39 27.04
CA LEU B 170 -7.22 8.98 25.97
C LEU B 170 -7.31 9.98 24.82
N THR B 171 -6.28 10.80 24.69
CA THR B 171 -6.17 11.75 23.59
C THR B 171 -4.99 11.44 22.68
N SER B 172 -3.95 10.77 23.18
CA SER B 172 -2.78 10.48 22.37
C SER B 172 -3.03 9.27 21.50
N GLY B 173 -2.76 9.40 20.21
CA GLY B 173 -2.95 8.32 19.27
C GLY B 173 -4.36 8.19 18.72
N VAL B 174 -5.22 9.16 18.99
CA VAL B 174 -6.61 9.13 18.55
C VAL B 174 -6.73 9.81 17.20
N HIS B 175 -7.35 9.13 16.25
CA HIS B 175 -7.66 9.69 14.94
C HIS B 175 -9.12 9.39 14.64
N THR B 176 -9.95 10.43 14.59
CA THR B 176 -11.34 10.32 14.18
C THR B 176 -11.43 10.84 12.76
N PHE B 177 -11.97 10.03 11.87
CA PHE B 177 -11.90 10.32 10.45
C PHE B 177 -13.15 11.04 9.96
N PRO B 178 -13.03 11.79 8.87
CA PRO B 178 -14.21 12.45 8.30
C PRO B 178 -15.24 11.44 7.85
N ALA B 179 -16.51 11.83 7.98
CA ALA B 179 -17.62 10.94 7.67
C ALA B 179 -17.80 10.81 6.17
N VAL B 180 -18.19 9.62 5.75
CA VAL B 180 -18.57 9.36 4.38
C VAL B 180 -20.10 9.33 4.33
N LEU B 181 -20.65 9.70 3.18
CA LEU B 181 -22.09 9.69 2.96
C LEU B 181 -22.42 8.57 1.97
N GLN B 182 -23.28 7.66 2.37
CA GLN B 182 -23.64 6.52 1.54
C GLN B 182 -24.80 6.87 0.63
N SER B 183 -25.03 6.01 -0.36
CA SER B 183 -26.18 6.17 -1.25
C SER B 183 -27.48 6.27 -0.44
N SER B 184 -27.56 5.55 0.68
CA SER B 184 -28.78 5.56 1.48
C SER B 184 -29.13 6.95 1.99
N GLY B 185 -28.18 7.89 1.97
CA GLY B 185 -28.40 9.20 2.55
C GLY B 185 -28.00 9.31 4.01
N LEU B 186 -27.36 8.29 4.57
CA LEU B 186 -26.89 8.29 5.94
C LEU B 186 -25.38 8.30 5.98
N TYR B 187 -24.84 8.86 7.06
CA TYR B 187 -23.40 9.04 7.21
C TYR B 187 -22.79 7.89 8.02
N SER B 188 -21.51 7.64 7.78
CA SER B 188 -20.73 6.73 8.59
C SER B 188 -19.34 7.32 8.79
N LEU B 189 -18.78 7.09 9.96
CA LEU B 189 -17.39 7.43 10.19
C LEU B 189 -16.79 6.43 11.17
N SER B 190 -15.46 6.51 11.32
CA SER B 190 -14.70 5.64 12.20
C SER B 190 -13.72 6.47 13.02
N SER B 191 -13.46 6.01 14.23
CA SER B 191 -12.46 6.60 15.10
C SER B 191 -11.51 5.50 15.54
N VAL B 192 -10.23 5.68 15.26
CA VAL B 192 -9.19 4.70 15.56
C VAL B 192 -8.22 5.30 16.56
N VAL B 193 -7.82 4.50 17.53
CA VAL B 193 -6.82 4.89 18.52
C VAL B 193 -5.70 3.86 18.50
N THR B 194 -4.46 4.33 18.50
CA THR B 194 -3.29 3.47 18.55
C THR B 194 -2.77 3.39 19.97
N VAL B 195 -2.53 2.18 20.44
CA VAL B 195 -2.20 1.97 21.85
C VAL B 195 -1.06 0.96 21.97
N PRO B 196 -0.43 0.86 23.13
CA PRO B 196 0.65 -0.13 23.31
C PRO B 196 0.12 -1.56 23.21
N SER B 197 0.63 -2.37 22.26
CA SER B 197 0.30 -3.78 22.01
C SER B 197 0.62 -4.64 23.22
N SER B 198 1.57 -4.21 24.04
CA SER B 198 2.00 -4.91 25.28
C SER B 198 0.93 -4.91 26.37
N SER B 199 -0.09 -4.07 26.32
CA SER B 199 -1.11 -4.02 27.39
C SER B 199 -2.54 -4.19 26.87
N LEU B 200 -2.78 -4.79 25.70
CA LEU B 200 -4.13 -4.92 25.17
C LEU B 200 -4.97 -5.84 26.02
N GLY B 201 -4.36 -6.79 26.73
CA GLY B 201 -5.10 -7.68 27.57
C GLY B 201 -5.40 -7.16 28.94
N THR B 202 -4.84 -6.01 29.33
CA THR B 202 -4.94 -5.52 30.69
C THR B 202 -5.58 -4.13 30.81
N GLN B 203 -5.51 -3.30 29.78
CA GLN B 203 -6.06 -1.94 29.83
C GLN B 203 -7.36 -1.87 29.03
N THR B 204 -8.29 -1.05 29.53
CA THR B 204 -9.65 -0.97 29.02
C THR B 204 -9.82 0.25 28.11
N TYR B 205 -10.42 0.07 26.92
CA TYR B 205 -10.65 1.12 25.92
C TYR B 205 -12.14 1.20 25.59
N ILE B 206 -12.78 2.34 25.77
CA ILE B 206 -14.23 2.52 25.49
C ILE B 206 -14.37 3.72 24.56
N CYS B 207 -15.10 3.63 23.47
CA CYS B 207 -15.33 4.79 22.62
C CYS B 207 -16.69 5.37 23.03
N ASN B 208 -16.79 6.68 23.22
CA ASN B 208 -18.04 7.34 23.61
C ASN B 208 -18.47 8.14 22.41
N VAL B 209 -19.52 7.72 21.72
CA VAL B 209 -20.05 8.40 20.54
C VAL B 209 -21.21 9.31 20.96
N ASN B 210 -21.29 10.48 20.41
CA ASN B 210 -22.36 11.43 20.72
C ASN B 210 -22.92 12.00 19.43
N HIS B 211 -24.22 11.85 19.24
CA HIS B 211 -24.94 12.37 18.08
C HIS B 211 -26.02 13.31 18.63
N LYS B 212 -25.63 14.56 18.87
CA LYS B 212 -26.57 15.53 19.43
C LYS B 212 -27.86 15.65 18.62
N PRO B 213 -27.85 15.63 17.29
CA PRO B 213 -29.12 15.82 16.56
C PRO B 213 -30.23 14.84 16.96
N SER B 214 -29.89 13.59 17.21
CA SER B 214 -30.87 12.58 17.62
C SER B 214 -30.81 12.29 19.12
N ASN B 215 -30.05 13.07 19.87
CA ASN B 215 -29.89 12.88 21.31
C ASN B 215 -29.61 11.41 21.64
N THR B 216 -28.56 10.89 21.00
CA THR B 216 -28.05 9.54 21.21
C THR B 216 -26.61 9.65 21.72
N LYS B 217 -26.34 9.05 22.88
CA LYS B 217 -24.99 8.84 23.37
C LYS B 217 -24.76 7.33 23.48
N VAL B 218 -23.59 6.88 23.03
CA VAL B 218 -23.26 5.46 23.01
C VAL B 218 -21.86 5.25 23.58
N ASP B 219 -21.74 4.31 24.51
CA ASP B 219 -20.45 3.84 25.01
C ASP B 219 -20.25 2.41 24.53
N LYS B 220 -19.13 2.15 23.87
CA LYS B 220 -18.82 0.82 23.34
C LYS B 220 -17.40 0.46 23.77
N LYS B 221 -17.27 -0.56 24.61
CA LYS B 221 -15.96 -1.11 24.94
C LYS B 221 -15.42 -1.87 23.73
N VAL B 222 -14.13 -1.69 23.45
CA VAL B 222 -13.46 -2.36 22.34
C VAL B 222 -12.35 -3.21 22.94
N GLU B 223 -12.52 -4.52 22.89
CA GLU B 223 -11.55 -5.45 23.44
C GLU B 223 -11.07 -6.41 22.37
N PRO B 224 -9.92 -7.07 22.59
CA PRO B 224 -9.46 -8.12 21.68
C PRO B 224 -10.24 -9.41 21.85
N SER C 1 10.33 -32.30 -13.96
CA SER C 1 8.90 -32.58 -14.24
C SER C 1 8.29 -33.21 -12.99
N TYR C 2 6.99 -32.99 -12.77
CA TYR C 2 6.16 -33.31 -11.59
C TYR C 2 6.52 -32.30 -10.49
N GLU C 3 5.61 -31.45 -10.08
CA GLU C 3 5.96 -30.44 -9.08
C GLU C 3 5.08 -30.55 -7.84
N LEU C 4 5.63 -30.24 -6.69
CA LEU C 4 4.89 -30.13 -5.43
C LEU C 4 5.04 -28.67 -5.03
N THR C 5 3.95 -27.96 -4.78
CA THR C 5 3.98 -26.56 -4.40
C THR C 5 3.61 -26.42 -2.94
N GLN C 6 4.39 -25.61 -2.22
CA GLN C 6 4.15 -25.31 -0.82
C GLN C 6 4.12 -23.80 -0.64
N ALA C 7 3.30 -23.33 0.31
CA ALA C 7 3.38 -21.94 0.72
C ALA C 7 4.76 -21.67 1.32
N PRO C 8 5.33 -20.48 1.13
CA PRO C 8 6.69 -20.25 1.63
C PRO C 8 6.78 -20.20 3.16
N SER C 9 5.76 -19.68 3.84
CA SER C 9 5.84 -19.55 5.29
C SER C 9 4.47 -19.71 5.93
N VAL C 10 4.51 -19.99 7.23
CA VAL C 10 3.31 -20.16 8.04
C VAL C 10 3.67 -19.71 9.45
N SER C 11 2.73 -19.01 10.08
CA SER C 11 2.97 -18.38 11.38
C SER C 11 1.91 -18.81 12.38
N VAL C 12 2.36 -19.35 13.51
CA VAL C 12 1.48 -19.90 14.54
C VAL C 12 1.94 -19.38 15.89
N SER C 13 0.98 -19.16 16.79
CA SER C 13 1.35 -18.84 18.16
C SER C 13 1.50 -20.11 18.97
N PRO C 14 2.26 -20.07 20.07
CA PRO C 14 2.54 -21.31 20.82
C PRO C 14 1.25 -21.99 21.25
N GLY C 15 1.24 -23.32 21.11
CA GLY C 15 0.09 -24.10 21.49
C GLY C 15 -1.03 -24.16 20.48
N GLN C 16 -0.95 -23.40 19.39
CA GLN C 16 -1.96 -23.49 18.35
C GLN C 16 -1.58 -24.54 17.31
N THR C 17 -2.51 -24.85 16.42
CA THR C 17 -2.32 -25.87 15.40
C THR C 17 -1.69 -25.25 14.16
N ALA C 18 -0.54 -25.77 13.74
CA ALA C 18 0.07 -25.36 12.48
C ALA C 18 -0.37 -26.31 11.37
N THR C 19 -0.65 -25.75 10.20
CA THR C 19 -1.09 -26.51 9.03
C THR C 19 -0.18 -26.19 7.85
N ILE C 20 0.37 -27.24 7.24
CA ILE C 20 1.24 -27.10 6.09
C ILE C 20 0.65 -27.94 4.97
N THR C 21 0.31 -27.30 3.85
CA THR C 21 -0.27 -27.98 2.71
C THR C 21 0.77 -28.14 1.60
N CYS C 22 0.47 -29.05 0.68
CA CYS C 22 1.39 -29.42 -0.39
C CYS C 22 0.55 -29.95 -1.54
N SER C 23 0.62 -29.29 -2.70
CA SER C 23 -0.25 -29.58 -3.82
C SER C 23 0.54 -30.18 -4.98
N GLY C 24 -0.07 -31.14 -5.67
CA GLY C 24 0.54 -31.73 -6.85
C GLY C 24 -0.50 -32.46 -7.66
N ASP C 25 -0.30 -32.51 -8.97
CA ASP C 25 -1.26 -33.17 -9.84
C ASP C 25 -1.48 -34.63 -9.43
N LYS C 26 -2.67 -34.94 -8.92
CA LYS C 26 -3.02 -36.30 -8.51
C LYS C 26 -2.12 -36.77 -7.36
N LEU C 27 -1.91 -35.91 -6.37
CA LEU C 27 -1.03 -36.26 -5.27
C LEU C 27 -1.61 -37.39 -4.42
N GLY C 28 -2.93 -37.41 -4.26
CA GLY C 28 -3.56 -38.45 -3.47
C GLY C 28 -3.25 -39.85 -3.94
N ASP C 29 -2.79 -40.00 -5.18
CA ASP C 29 -2.43 -41.29 -5.73
C ASP C 29 -0.97 -41.64 -5.50
N LYS C 30 -0.29 -40.90 -4.64
CA LYS C 30 1.13 -41.13 -4.36
C LYS C 30 1.33 -41.16 -2.85
N PHE C 31 2.45 -41.74 -2.43
CA PHE C 31 2.87 -41.67 -1.03
C PHE C 31 3.60 -40.34 -0.81
N THR C 32 3.05 -39.50 0.05
CA THR C 32 3.73 -38.27 0.47
C THR C 32 4.44 -38.53 1.78
N SER C 33 5.72 -38.17 1.85
CA SER C 33 6.46 -38.17 3.10
C SER C 33 6.83 -36.73 3.43
N TRP C 34 7.09 -36.47 4.71
CA TRP C 34 7.39 -35.12 5.17
C TRP C 34 8.72 -35.11 5.90
N TYR C 35 9.50 -34.03 5.71
CA TYR C 35 10.78 -33.85 6.37
C TYR C 35 10.81 -32.52 7.11
N GLN C 36 11.44 -32.54 8.28
CA GLN C 36 11.66 -31.37 9.11
C GLN C 36 13.15 -31.04 9.02
N GLN C 37 13.47 -29.78 8.74
CA GLN C 37 14.85 -29.32 8.71
C GLN C 37 14.98 -28.07 9.58
N LYS C 38 15.67 -28.22 10.71
CA LYS C 38 15.91 -27.09 11.60
C LYS C 38 17.10 -26.31 11.08
N PRO C 39 17.23 -25.04 11.48
CA PRO C 39 18.02 -24.07 10.70
C PRO C 39 19.35 -24.56 10.15
N GLY C 40 20.15 -25.25 10.96
CA GLY C 40 21.47 -25.68 10.49
C GLY C 40 21.71 -27.17 10.51
N GLN C 41 20.63 -27.95 10.54
CA GLN C 41 20.70 -29.39 10.68
C GLN C 41 20.40 -30.06 9.34
N SER C 42 20.48 -31.39 9.33
CA SER C 42 20.03 -32.19 8.21
C SER C 42 18.54 -32.50 8.34
N PRO C 43 17.85 -32.76 7.23
CA PRO C 43 16.42 -33.08 7.31
C PRO C 43 16.19 -34.31 8.17
N VAL C 44 14.97 -34.42 8.69
CA VAL C 44 14.56 -35.50 9.57
C VAL C 44 13.17 -35.94 9.16
N LEU C 45 13.00 -37.23 8.92
CA LEU C 45 11.71 -37.76 8.52
C LEU C 45 10.73 -37.75 9.69
N VAL C 46 9.57 -37.14 9.48
CA VAL C 46 8.51 -37.13 10.48
C VAL C 46 7.23 -37.77 9.96
N ILE C 47 7.06 -37.90 8.65
CA ILE C 47 5.91 -38.58 8.08
C ILE C 47 6.38 -39.36 6.86
N TYR C 48 5.90 -40.59 6.71
CA TYR C 48 6.11 -41.40 5.53
C TYR C 48 4.82 -42.14 5.20
N GLN C 49 4.61 -42.47 3.94
CA GLN C 49 3.41 -43.14 3.41
C GLN C 49 2.14 -42.43 3.88
N ASP C 50 2.08 -41.12 3.69
CA ASP C 50 0.97 -40.14 3.93
C ASP C 50 0.72 -39.77 5.38
N SER C 51 0.61 -40.71 6.30
CA SER C 51 0.28 -40.44 7.71
C SER C 51 1.06 -41.29 8.69
N LYS C 52 2.09 -41.98 8.29
CA LYS C 52 2.76 -42.86 9.26
C LYS C 52 3.89 -42.08 9.93
N ARG C 53 4.05 -42.25 11.23
CA ARG C 53 5.06 -41.56 12.00
C ARG C 53 6.23 -42.49 12.29
N PRO C 54 7.46 -42.08 12.02
CA PRO C 54 8.60 -42.88 12.47
C PRO C 54 8.63 -42.98 13.99
N SER C 55 9.08 -44.12 14.48
CA SER C 55 9.26 -44.30 15.91
C SER C 55 10.06 -43.14 16.49
N GLY C 56 9.47 -42.43 17.43
CA GLY C 56 10.15 -41.31 18.07
C GLY C 56 9.72 -39.94 17.62
N ILE C 57 8.71 -39.82 16.77
CA ILE C 57 8.14 -38.54 16.37
C ILE C 57 6.83 -38.36 17.14
N PRO C 58 6.68 -37.27 17.89
CA PRO C 58 5.51 -37.17 18.78
C PRO C 58 4.20 -37.29 18.01
N GLU C 59 3.14 -37.61 18.76
CA GLU C 59 1.82 -37.71 18.15
C GLU C 59 1.25 -36.35 17.73
N ARG C 60 1.87 -35.25 18.18
CA ARG C 60 1.44 -33.93 17.72
C ARG C 60 1.49 -33.82 16.20
N PHE C 61 2.36 -34.59 15.55
CA PHE C 61 2.48 -34.55 14.10
C PHE C 61 1.56 -35.60 13.49
N SER C 62 0.66 -35.15 12.62
CA SER C 62 -0.21 -36.03 11.84
C SER C 62 -0.26 -35.48 10.42
N ALA C 63 -0.60 -36.34 9.47
CA ALA C 63 -0.71 -35.87 8.09
C ALA C 63 -1.77 -36.66 7.33
N SER C 64 -2.25 -36.04 6.25
CA SER C 64 -3.27 -36.59 5.37
C SER C 64 -2.79 -36.52 3.93
N ASN C 65 -3.59 -37.09 3.04
CA ASN C 65 -3.32 -37.01 1.61
C ASN C 65 -4.49 -37.54 0.80
N SER C 66 -5.29 -36.64 0.21
CA SER C 66 -6.36 -37.03 -0.69
C SER C 66 -6.52 -35.95 -1.76
N GLY C 67 -6.90 -36.38 -2.95
CA GLY C 67 -7.04 -35.48 -4.07
C GLY C 67 -5.70 -35.07 -4.63
N ASN C 68 -5.36 -33.79 -4.49
CA ASN C 68 -4.04 -33.30 -4.90
C ASN C 68 -3.48 -32.33 -3.87
N THR C 69 -3.82 -32.51 -2.59
CA THR C 69 -3.28 -31.72 -1.51
C THR C 69 -2.95 -32.65 -0.35
N ALA C 70 -1.65 -32.74 -0.01
CA ALA C 70 -1.21 -33.36 1.21
C ALA C 70 -1.15 -32.30 2.31
N THR C 71 -1.39 -32.73 3.55
CA THR C 71 -1.47 -31.78 4.67
C THR C 71 -0.76 -32.32 5.89
N LEU C 72 0.19 -31.56 6.42
CA LEU C 72 0.85 -31.88 7.67
C LEU C 72 0.32 -30.93 8.74
N THR C 73 -0.23 -31.49 9.81
CA THR C 73 -0.79 -30.71 10.90
C THR C 73 0.04 -30.93 12.16
N ILE C 74 0.32 -29.84 12.86
CA ILE C 74 1.11 -29.89 14.10
C ILE C 74 0.27 -29.29 15.20
N SER C 75 -0.22 -30.15 16.10
CA SER C 75 -0.98 -29.72 17.26
C SER C 75 -0.05 -29.27 18.38
N GLY C 76 -0.57 -28.41 19.26
CA GLY C 76 0.19 -27.92 20.40
C GLY C 76 1.58 -27.45 20.02
N THR C 77 1.66 -26.55 19.04
CA THR C 77 2.96 -26.15 18.52
C THR C 77 3.86 -25.63 19.64
N ARG C 78 5.10 -26.10 19.66
CA ARG C 78 6.12 -25.69 20.59
C ARG C 78 7.21 -24.95 19.82
N ALA C 79 7.99 -24.14 20.53
CA ALA C 79 9.13 -23.48 19.91
C ALA C 79 10.06 -24.48 19.24
N MET C 80 10.20 -25.68 19.81
CA MET C 80 11.07 -26.68 19.22
C MET C 80 10.67 -27.03 17.80
N ASP C 81 9.38 -26.85 17.44
CA ASP C 81 8.87 -27.19 16.12
C ASP C 81 9.21 -26.14 15.06
N GLU C 82 9.85 -25.03 15.42
CA GLU C 82 10.25 -23.99 14.44
C GLU C 82 11.26 -24.66 13.52
N ALA C 83 10.98 -24.79 12.22
CA ALA C 83 11.80 -25.49 11.21
C ALA C 83 11.19 -25.27 9.83
N ASP C 84 11.87 -25.77 8.83
CA ASP C 84 11.45 -25.82 7.43
C ASP C 84 10.84 -27.20 7.21
N TYR C 85 9.69 -27.30 6.58
CA TYR C 85 8.96 -28.55 6.37
C TYR C 85 8.75 -28.77 4.88
N TYR C 86 9.31 -29.88 4.38
CA TYR C 86 9.25 -30.24 2.97
C TYR C 86 8.39 -31.50 2.80
N CYS C 87 7.42 -31.43 1.90
CA CYS C 87 6.70 -32.62 1.44
C CYS C 87 7.50 -33.26 0.31
N GLN C 88 7.26 -34.56 0.10
CA GLN C 88 8.06 -35.31 -0.86
C GLN C 88 7.27 -36.49 -1.42
N ALA C 89 7.51 -36.77 -2.69
CA ALA C 89 6.87 -37.85 -3.40
C ALA C 89 7.84 -38.39 -4.44
N TRP C 90 7.35 -39.32 -5.26
CA TRP C 90 8.19 -40.05 -6.20
C TRP C 90 7.44 -40.17 -7.51
N ASP C 91 8.17 -39.93 -8.61
CA ASP C 91 7.55 -39.86 -9.92
C ASP C 91 8.65 -39.96 -10.97
N SER C 92 8.41 -40.81 -11.98
CA SER C 92 9.33 -40.95 -13.11
C SER C 92 10.75 -41.23 -12.62
N ASN C 93 10.84 -42.14 -11.65
CA ASN C 93 12.11 -42.54 -11.03
C ASN C 93 12.92 -41.34 -10.57
N THR C 94 12.24 -40.36 -9.97
CA THR C 94 12.88 -39.24 -9.32
C THR C 94 12.23 -39.03 -7.96
N TYR C 95 13.02 -38.58 -6.98
CA TYR C 95 12.50 -38.05 -5.73
C TYR C 95 12.21 -36.56 -5.94
N VAL C 96 10.94 -36.19 -5.92
CA VAL C 96 10.53 -34.81 -6.10
C VAL C 96 10.24 -34.22 -4.73
N PHE C 97 10.79 -33.03 -4.47
CA PHE C 97 10.56 -32.33 -3.21
C PHE C 97 9.69 -31.09 -3.44
N GLY C 98 9.14 -30.61 -2.34
CA GLY C 98 8.42 -29.35 -2.36
C GLY C 98 9.31 -28.18 -2.06
N THR C 99 8.74 -26.99 -2.22
CA THR C 99 9.42 -25.73 -1.99
C THR C 99 9.85 -25.55 -0.54
N GLY C 100 9.19 -26.23 0.40
CA GLY C 100 9.43 -25.98 1.81
C GLY C 100 8.52 -24.90 2.36
N THR C 101 7.94 -25.14 3.53
CA THR C 101 7.20 -24.13 4.28
C THR C 101 7.96 -23.86 5.57
N ARG C 102 8.42 -22.64 5.77
CA ARG C 102 9.06 -22.27 7.02
C ARG C 102 7.98 -21.94 8.04
N VAL C 103 8.01 -22.63 9.19
CA VAL C 103 7.00 -22.48 10.22
C VAL C 103 7.60 -21.68 11.36
N ALA C 104 7.08 -20.48 11.59
CA ALA C 104 7.53 -19.62 12.67
C ALA C 104 6.54 -19.72 13.81
N VAL C 105 7.04 -19.93 15.02
CA VAL C 105 6.20 -19.91 16.22
C VAL C 105 6.44 -18.58 16.92
N LEU C 106 5.41 -17.73 16.91
CA LEU C 106 5.52 -16.34 17.33
C LEU C 106 6.04 -16.18 18.75
N SER C 107 7.24 -15.62 18.84
CA SER C 107 7.91 -15.29 20.10
C SER C 107 7.86 -13.80 20.41
N GLN C 108 7.12 -13.01 19.62
CA GLN C 108 7.00 -11.57 19.82
C GLN C 108 5.99 -11.00 18.84
N PRO C 109 5.55 -9.76 19.02
CA PRO C 109 4.47 -9.25 18.15
C PRO C 109 4.91 -9.13 16.71
N LYS C 110 3.98 -9.43 15.80
CA LYS C 110 4.24 -9.26 14.39
C LYS C 110 4.60 -7.81 14.07
N ALA C 111 5.52 -7.62 13.13
CA ALA C 111 5.94 -6.30 12.69
C ALA C 111 6.10 -6.34 11.18
N ASN C 112 5.52 -5.33 10.48
CA ASN C 112 5.63 -5.31 9.03
C ASN C 112 6.93 -4.63 8.61
N PRO C 113 7.50 -5.02 7.47
CA PRO C 113 8.82 -4.51 7.09
C PRO C 113 8.79 -3.08 6.59
N THR C 114 9.91 -2.38 6.81
CA THR C 114 10.21 -1.14 6.12
C THR C 114 11.00 -1.47 4.86
N VAL C 115 10.55 -0.95 3.72
CA VAL C 115 11.16 -1.24 2.43
C VAL C 115 11.72 0.06 1.87
N THR C 116 12.99 0.04 1.49
CA THR C 116 13.69 1.19 0.92
C THR C 116 14.30 0.73 -0.41
N LEU C 117 13.98 1.44 -1.49
CA LEU C 117 14.44 1.04 -2.82
C LEU C 117 15.28 2.15 -3.44
N PHE C 118 16.51 1.81 -3.84
CA PHE C 118 17.42 2.76 -4.49
C PHE C 118 17.60 2.42 -5.98
N PRO C 119 17.58 3.42 -6.86
CA PRO C 119 17.92 3.15 -8.26
C PRO C 119 19.43 3.02 -8.41
N PRO C 120 19.92 2.59 -9.58
CA PRO C 120 21.37 2.60 -9.81
C PRO C 120 21.90 4.01 -9.87
N SER C 121 23.10 4.21 -9.30
CA SER C 121 23.73 5.52 -9.33
C SER C 121 24.25 5.82 -10.73
N SER C 122 24.47 7.11 -10.98
CA SER C 122 25.12 7.51 -12.23
C SER C 122 26.51 6.92 -12.33
N GLU C 123 27.24 6.87 -11.21
CA GLU C 123 28.59 6.32 -11.24
C GLU C 123 28.59 4.89 -11.75
N GLU C 124 27.68 4.05 -11.21
CA GLU C 124 27.64 2.65 -11.61
C GLU C 124 27.23 2.52 -13.07
N LEU C 125 26.28 3.35 -13.50
CA LEU C 125 25.87 3.34 -14.91
C LEU C 125 27.05 3.64 -15.82
N GLN C 126 27.92 4.58 -15.43
CA GLN C 126 29.11 4.86 -16.22
C GLN C 126 30.06 3.66 -16.24
N ALA C 127 30.07 2.86 -15.18
CA ALA C 127 30.77 1.58 -15.17
C ALA C 127 30.03 0.52 -15.98
N ASN C 128 29.00 0.91 -16.75
CA ASN C 128 28.16 0.00 -17.52
C ASN C 128 27.64 -1.16 -16.67
N LYS C 129 27.07 -0.82 -15.52
CA LYS C 129 26.36 -1.79 -14.70
C LYS C 129 25.17 -1.08 -14.06
N ALA C 130 24.20 -1.86 -13.61
CA ALA C 130 23.01 -1.30 -13.01
C ALA C 130 22.48 -2.25 -11.94
N THR C 131 22.30 -1.72 -10.73
CA THR C 131 21.84 -2.51 -9.60
C THR C 131 20.73 -1.74 -8.90
N LEU C 132 19.59 -2.41 -8.70
CA LEU C 132 18.53 -1.92 -7.84
C LEU C 132 18.68 -2.58 -6.48
N VAL C 133 18.57 -1.80 -5.41
CA VAL C 133 18.84 -2.27 -4.06
C VAL C 133 17.56 -2.08 -3.25
N CYS C 134 16.92 -3.19 -2.86
CA CYS C 134 15.70 -3.16 -2.04
C CYS C 134 16.08 -3.70 -0.66
N LEU C 135 16.06 -2.84 0.35
CA LEU C 135 16.42 -3.17 1.72
C LEU C 135 15.15 -3.33 2.53
N ILE C 136 15.11 -4.37 3.36
CA ILE C 136 13.92 -4.82 4.08
C ILE C 136 14.32 -5.02 5.53
N SER C 137 13.69 -4.28 6.44
CA SER C 137 14.15 -4.25 7.81
C SER C 137 12.98 -4.14 8.78
N ASP C 138 13.28 -4.48 10.04
CA ASP C 138 12.36 -4.29 11.16
C ASP C 138 11.09 -5.14 11.01
N PHE C 139 11.24 -6.41 10.63
CA PHE C 139 10.09 -7.27 10.44
C PHE C 139 10.22 -8.52 11.32
N TYR C 140 9.05 -9.05 11.73
CA TYR C 140 8.92 -10.30 12.46
C TYR C 140 7.58 -10.88 12.07
N PRO C 141 7.49 -12.19 11.78
CA PRO C 141 8.59 -13.16 11.85
C PRO C 141 9.58 -13.05 10.68
N GLY C 142 10.66 -13.82 10.76
CA GLY C 142 11.72 -13.75 9.78
C GLY C 142 11.39 -14.44 8.47
N ALA C 143 10.37 -13.96 7.77
CA ALA C 143 10.03 -14.51 6.46
C ALA C 143 9.41 -13.42 5.60
N VAL C 144 9.98 -13.20 4.41
CA VAL C 144 9.42 -12.31 3.42
C VAL C 144 9.49 -13.01 2.07
N THR C 145 8.62 -12.57 1.16
CA THR C 145 8.68 -12.93 -0.24
C THR C 145 8.86 -11.65 -1.03
N VAL C 146 9.86 -11.62 -1.92
CA VAL C 146 10.18 -10.44 -2.71
C VAL C 146 9.83 -10.70 -4.17
N ALA C 147 9.04 -9.81 -4.76
CA ALA C 147 8.75 -9.83 -6.19
C ALA C 147 9.28 -8.54 -6.82
N TRP C 148 9.93 -8.68 -7.95
CA TRP C 148 10.43 -7.55 -8.74
C TRP C 148 9.62 -7.45 -10.03
N LYS C 149 9.31 -6.23 -10.47
CA LYS C 149 8.55 -6.04 -11.69
C LYS C 149 9.16 -4.92 -12.52
N ALA C 150 9.04 -5.07 -13.84
CA ALA C 150 9.57 -4.14 -14.82
C ALA C 150 8.39 -3.56 -15.59
N ASP C 151 8.14 -2.27 -15.41
CA ASP C 151 7.02 -1.58 -16.04
C ASP C 151 5.67 -2.20 -15.71
N GLY C 152 5.62 -3.12 -14.76
CA GLY C 152 4.36 -3.70 -14.32
C GLY C 152 4.34 -5.21 -14.34
N SER C 153 5.22 -5.84 -15.16
CA SER C 153 5.23 -7.28 -15.32
C SER C 153 6.38 -7.91 -14.55
N PRO C 154 6.17 -9.13 -14.03
CA PRO C 154 7.18 -9.72 -13.13
C PRO C 154 8.57 -9.83 -13.73
N VAL C 155 9.59 -9.98 -12.87
CA VAL C 155 10.98 -10.06 -13.28
C VAL C 155 11.66 -11.13 -12.44
N LYS C 156 12.01 -12.25 -13.06
CA LYS C 156 12.75 -13.31 -12.38
C LYS C 156 14.25 -13.18 -12.58
N ALA C 157 14.66 -12.80 -13.79
CA ALA C 157 16.07 -12.84 -14.15
C ALA C 157 16.87 -11.78 -13.39
N GLY C 158 17.98 -12.20 -12.79
CA GLY C 158 18.93 -11.27 -12.22
C GLY C 158 18.68 -10.88 -10.78
N VAL C 159 17.98 -11.71 -10.00
CA VAL C 159 17.54 -11.36 -8.66
C VAL C 159 18.34 -12.15 -7.65
N GLU C 160 18.83 -11.47 -6.62
CA GLU C 160 19.52 -12.11 -5.51
C GLU C 160 18.97 -11.54 -4.21
N THR C 161 18.40 -12.41 -3.38
CA THR C 161 17.82 -12.03 -2.10
C THR C 161 18.52 -12.79 -0.98
N THR C 162 18.82 -12.06 0.08
CA THR C 162 19.44 -12.65 1.26
C THR C 162 18.39 -13.42 2.08
N LYS C 163 18.88 -14.34 2.91
CA LYS C 163 18.05 -14.91 3.96
C LYS C 163 17.87 -13.85 5.05
N PRO C 164 16.72 -13.86 5.73
CA PRO C 164 16.55 -12.92 6.85
C PRO C 164 17.59 -13.14 7.94
N SER C 165 18.03 -12.04 8.54
CA SER C 165 18.99 -12.06 9.64
C SER C 165 18.48 -11.17 10.74
N LYS C 166 18.76 -11.57 11.98
CA LYS C 166 18.32 -10.78 13.13
C LYS C 166 19.15 -9.52 13.26
N GLN C 167 18.49 -8.41 13.60
CA GLN C 167 19.14 -7.14 13.82
C GLN C 167 19.51 -6.97 15.29
N SER C 168 20.05 -5.79 15.62
CA SER C 168 20.38 -5.50 17.01
C SER C 168 19.13 -5.58 17.88
N ASN C 169 17.98 -5.18 17.35
CA ASN C 169 16.74 -5.08 18.10
C ASN C 169 15.89 -6.34 18.02
N ASN C 170 16.48 -7.45 17.59
CA ASN C 170 15.84 -8.77 17.55
C ASN C 170 14.69 -8.87 16.57
N LYS C 171 14.49 -7.87 15.72
CA LYS C 171 13.67 -8.05 14.53
C LYS C 171 14.59 -8.49 13.40
N TYR C 172 14.01 -8.78 12.23
CA TYR C 172 14.80 -9.32 11.14
C TYR C 172 15.09 -8.27 10.07
N ALA C 173 16.12 -8.55 9.27
CA ALA C 173 16.49 -7.73 8.14
C ALA C 173 16.81 -8.63 6.97
N ALA C 174 16.57 -8.13 5.76
CA ALA C 174 16.92 -8.83 4.53
C ALA C 174 17.10 -7.80 3.44
N SER C 175 17.70 -8.22 2.32
CA SER C 175 17.93 -7.32 1.20
C SER C 175 17.84 -8.11 -0.08
N SER C 176 17.36 -7.44 -1.13
CA SER C 176 17.24 -8.03 -2.46
C SER C 176 17.89 -7.10 -3.48
N TYR C 177 18.51 -7.70 -4.49
CA TYR C 177 19.24 -6.99 -5.52
C TYR C 177 18.78 -7.44 -6.89
N LEU C 178 18.58 -6.47 -7.79
CA LEU C 178 18.19 -6.74 -9.18
C LEU C 178 19.26 -6.17 -10.07
N SER C 179 20.01 -7.04 -10.74
CA SER C 179 21.09 -6.62 -11.62
C SER C 179 20.55 -6.48 -13.03
N LEU C 180 20.82 -5.34 -13.65
CA LEU C 180 20.37 -5.05 -15.00
C LEU C 180 21.54 -4.50 -15.81
N THR C 181 21.32 -4.37 -17.11
CA THR C 181 22.25 -3.60 -17.93
C THR C 181 21.78 -2.16 -18.02
N PRO C 182 22.71 -1.21 -18.04
CA PRO C 182 22.31 0.21 -18.11
C PRO C 182 21.23 0.49 -19.13
N GLU C 183 21.14 -0.32 -20.19
CA GLU C 183 20.16 -0.09 -21.25
C GLU C 183 18.79 -0.66 -20.89
N GLN C 184 18.75 -1.76 -20.12
CA GLN C 184 17.46 -2.22 -19.62
C GLN C 184 16.87 -1.21 -18.65
N TRP C 185 17.72 -0.58 -17.83
CA TRP C 185 17.26 0.40 -16.86
C TRP C 185 16.65 1.61 -17.58
N LYS C 186 17.35 2.16 -18.56
CA LYS C 186 16.83 3.29 -19.30
C LYS C 186 15.69 2.89 -20.22
N SER C 187 15.57 1.60 -20.55
CA SER C 187 14.51 1.15 -21.44
C SER C 187 13.15 1.33 -20.80
N HIS C 188 12.96 0.78 -19.61
CA HIS C 188 11.64 0.70 -19.02
C HIS C 188 11.24 2.02 -18.37
N ARG C 189 9.93 2.17 -18.18
CA ARG C 189 9.40 3.36 -17.53
C ARG C 189 9.61 3.33 -16.03
N SER C 190 9.79 2.14 -15.44
CA SER C 190 9.94 2.02 -14.00
C SER C 190 10.22 0.57 -13.62
N TYR C 191 10.81 0.40 -12.44
CA TYR C 191 11.01 -0.91 -11.81
C TYR C 191 10.47 -0.84 -10.39
N SER C 192 9.98 -1.97 -9.89
CA SER C 192 9.35 -2.03 -8.59
C SER C 192 9.90 -3.19 -7.77
N CYS C 193 9.94 -3.00 -6.45
CA CYS C 193 10.26 -4.03 -5.49
C CYS C 193 9.06 -4.21 -4.57
N GLN C 194 8.44 -5.39 -4.62
CA GLN C 194 7.24 -5.70 -3.86
C GLN C 194 7.58 -6.76 -2.82
N VAL C 195 7.38 -6.43 -1.56
CA VAL C 195 7.69 -7.31 -0.45
C VAL C 195 6.38 -7.75 0.21
N THR C 196 6.24 -9.06 0.39
CA THR C 196 5.04 -9.62 0.99
C THR C 196 5.41 -10.23 2.33
N HIS C 197 4.63 -9.89 3.36
CA HIS C 197 4.88 -10.36 4.73
C HIS C 197 3.53 -10.48 5.42
N GLU C 198 3.17 -11.68 5.86
CA GLU C 198 1.94 -11.92 6.60
C GLU C 198 0.73 -11.26 5.94
N GLY C 199 0.59 -11.51 4.63
CA GLY C 199 -0.59 -11.05 3.90
C GLY C 199 -0.50 -9.61 3.44
N SER C 200 0.08 -8.75 4.26
CA SER C 200 0.36 -7.38 3.86
C SER C 200 1.49 -7.36 2.83
N THR C 201 1.35 -6.52 1.81
CA THR C 201 2.40 -6.33 0.82
C THR C 201 2.74 -4.85 0.73
N VAL C 202 4.01 -4.56 0.50
CA VAL C 202 4.52 -3.21 0.32
C VAL C 202 5.31 -3.18 -0.98
N GLU C 203 5.15 -2.09 -1.73
CA GLU C 203 5.80 -1.96 -3.02
C GLU C 203 6.37 -0.56 -3.15
N LYS C 204 7.65 -0.48 -3.47
CA LYS C 204 8.31 0.77 -3.83
C LYS C 204 8.68 0.72 -5.31
N THR C 205 8.66 1.88 -5.95
CA THR C 205 8.93 1.98 -7.38
C THR C 205 9.94 3.10 -7.64
N VAL C 206 10.81 2.89 -8.64
CA VAL C 206 11.77 3.89 -9.09
C VAL C 206 11.72 3.94 -10.61
N ALA C 207 12.42 4.93 -11.18
CA ALA C 207 12.43 5.12 -12.63
C ALA C 207 13.65 5.94 -13.00
N PRO C 208 14.12 5.82 -14.23
CA PRO C 208 15.22 6.68 -14.70
C PRO C 208 14.83 8.14 -14.61
N THR C 209 15.74 8.96 -14.08
CA THR C 209 15.52 10.38 -13.88
C THR C 209 16.40 11.18 -14.83
N GLU C 210 15.83 12.23 -15.41
CA GLU C 210 16.52 13.03 -16.42
C GLU C 210 17.51 14.01 -15.80
N GLU D 1 21.80 -47.65 16.16
CA GLU D 1 22.32 -46.31 15.72
C GLU D 1 22.92 -46.42 14.32
N VAL D 2 22.13 -46.07 13.29
CA VAL D 2 22.62 -46.05 11.93
C VAL D 2 23.28 -44.70 11.67
N GLN D 3 24.41 -44.73 10.96
CA GLN D 3 25.24 -43.55 10.75
C GLN D 3 25.65 -43.45 9.29
N LEU D 4 25.58 -42.23 8.74
CA LEU D 4 26.04 -41.94 7.39
C LEU D 4 27.03 -40.78 7.48
N VAL D 5 28.30 -41.07 7.19
CA VAL D 5 29.40 -40.12 7.38
C VAL D 5 29.93 -39.74 6.00
N GLU D 6 29.70 -38.49 5.59
CA GLU D 6 30.17 -38.02 4.30
C GLU D 6 31.59 -37.46 4.41
N SER D 7 32.25 -37.39 3.26
CA SER D 7 33.63 -36.92 3.18
C SER D 7 33.94 -36.47 1.77
N GLY D 8 35.03 -35.74 1.62
CA GLY D 8 35.55 -35.40 0.31
C GLY D 8 35.11 -34.06 -0.25
N GLY D 9 34.27 -33.31 0.45
CA GLY D 9 33.92 -31.99 -0.01
C GLY D 9 35.08 -31.02 0.06
N GLY D 10 35.00 -29.97 -0.75
CA GLY D 10 36.04 -28.95 -0.76
C GLY D 10 35.77 -27.93 -1.82
N LEU D 11 36.66 -26.94 -1.89
CA LEU D 11 36.58 -25.94 -2.95
C LEU D 11 37.18 -26.49 -4.23
N VAL D 12 36.52 -26.21 -5.35
CA VAL D 12 36.94 -26.68 -6.67
C VAL D 12 36.57 -25.61 -7.69
N GLN D 13 37.39 -25.50 -8.73
CA GLN D 13 37.15 -24.52 -9.79
C GLN D 13 36.15 -25.06 -10.80
N PRO D 14 35.43 -24.16 -11.49
CA PRO D 14 34.51 -24.63 -12.54
C PRO D 14 35.24 -25.53 -13.53
N GLY D 15 34.55 -26.59 -13.96
CA GLY D 15 35.14 -27.58 -14.84
C GLY D 15 35.99 -28.62 -14.16
N GLY D 16 36.33 -28.43 -12.87
CA GLY D 16 37.08 -29.41 -12.12
C GLY D 16 36.25 -30.63 -11.77
N SER D 17 36.81 -31.45 -10.89
CA SER D 17 36.17 -32.68 -10.47
C SER D 17 36.39 -32.90 -8.98
N LEU D 18 35.61 -33.79 -8.41
CA LEU D 18 35.68 -34.09 -6.99
C LEU D 18 34.91 -35.37 -6.71
N ARG D 19 35.45 -36.20 -5.81
CA ARG D 19 34.84 -37.47 -5.44
C ARG D 19 34.36 -37.38 -4.00
N LEU D 20 33.08 -37.60 -3.78
CA LEU D 20 32.51 -37.66 -2.45
C LEU D 20 32.42 -39.10 -1.97
N SER D 21 32.59 -39.30 -0.67
CA SER D 21 32.52 -40.62 -0.06
C SER D 21 31.57 -40.57 1.13
N CYS D 22 30.83 -41.66 1.34
CA CYS D 22 29.90 -41.78 2.46
C CYS D 22 30.06 -43.18 3.03
N VAL D 23 30.37 -43.27 4.32
CA VAL D 23 30.55 -44.55 5.00
C VAL D 23 29.32 -44.84 5.85
N ALA D 24 28.82 -46.07 5.75
CA ALA D 24 27.62 -46.47 6.48
C ALA D 24 28.00 -47.34 7.68
N SER D 25 27.16 -47.27 8.70
CA SER D 25 27.34 -48.04 9.93
C SER D 25 25.97 -48.30 10.53
N GLY D 26 25.84 -49.41 11.26
CA GLY D 26 24.64 -49.66 12.02
C GLY D 26 23.47 -50.23 11.26
N PHE D 27 23.72 -50.89 10.13
CA PHE D 27 22.66 -51.58 9.40
C PHE D 27 23.30 -52.31 8.24
N ASN D 28 22.59 -53.33 7.73
CA ASN D 28 23.09 -54.14 6.63
C ASN D 28 23.15 -53.28 5.37
N PHE D 29 24.35 -52.81 5.02
CA PHE D 29 24.50 -51.92 3.88
C PHE D 29 24.01 -52.57 2.59
N THR D 30 24.15 -53.88 2.47
CA THR D 30 23.91 -54.56 1.19
C THR D 30 22.44 -54.86 0.94
N THR D 31 21.52 -54.36 1.75
CA THR D 31 20.10 -54.58 1.53
C THR D 31 19.32 -53.27 1.32
N TYR D 32 20.01 -52.13 1.28
CA TYR D 32 19.36 -50.83 1.14
C TYR D 32 19.91 -50.11 -0.09
N SER D 33 19.02 -49.43 -0.81
CA SER D 33 19.44 -48.46 -1.81
C SER D 33 20.02 -47.23 -1.10
N MET D 34 20.72 -46.39 -1.87
CA MET D 34 21.37 -45.22 -1.31
C MET D 34 21.23 -44.03 -2.26
N ASN D 35 21.21 -42.84 -1.66
CA ASN D 35 20.91 -41.62 -2.41
C ASN D 35 21.91 -40.52 -2.07
N TRP D 36 22.15 -39.66 -3.04
CA TRP D 36 22.79 -38.37 -2.82
C TRP D 36 21.72 -37.30 -3.01
N VAL D 37 21.62 -36.39 -2.04
CA VAL D 37 20.75 -35.23 -2.12
C VAL D 37 21.59 -34.01 -1.78
N ARG D 38 21.24 -32.88 -2.38
CA ARG D 38 21.99 -31.65 -2.16
C ARG D 38 21.05 -30.52 -1.81
N GLN D 39 21.63 -29.45 -1.27
CA GLN D 39 20.88 -28.26 -0.88
C GLN D 39 21.76 -27.04 -1.12
N ALA D 40 21.35 -26.18 -2.05
CA ALA D 40 22.10 -24.95 -2.28
C ALA D 40 21.80 -23.95 -1.16
N PRO D 41 22.82 -23.21 -0.70
CA PRO D 41 22.62 -22.31 0.45
C PRO D 41 21.32 -21.53 0.40
N GLY D 42 20.54 -21.61 1.47
CA GLY D 42 19.29 -20.89 1.58
C GLY D 42 18.19 -21.38 0.66
N LYS D 43 18.40 -22.45 -0.09
CA LYS D 43 17.44 -22.96 -1.04
C LYS D 43 16.96 -24.34 -0.58
N GLY D 44 16.15 -24.98 -1.43
CA GLY D 44 15.50 -26.22 -1.08
C GLY D 44 16.36 -27.44 -1.33
N LEU D 45 15.76 -28.61 -1.12
CA LEU D 45 16.42 -29.88 -1.33
C LEU D 45 16.23 -30.36 -2.76
N GLU D 46 17.28 -30.96 -3.31
CA GLU D 46 17.31 -31.43 -4.70
C GLU D 46 17.94 -32.82 -4.70
N TRP D 47 17.15 -33.83 -5.05
CA TRP D 47 17.69 -35.18 -5.17
C TRP D 47 18.65 -35.23 -6.36
N VAL D 48 19.75 -35.99 -6.21
CA VAL D 48 20.83 -36.02 -7.19
C VAL D 48 20.90 -37.39 -7.88
N SER D 49 21.17 -38.45 -7.12
CA SER D 49 21.39 -39.77 -7.69
C SER D 49 20.80 -40.84 -6.79
N TYR D 50 20.45 -41.97 -7.40
CA TYR D 50 19.96 -43.16 -6.72
C TYR D 50 20.75 -44.37 -7.20
N ILE D 51 21.06 -45.27 -6.28
CA ILE D 51 21.75 -46.51 -6.60
C ILE D 51 21.14 -47.65 -5.78
N SER D 52 20.93 -48.79 -6.42
CA SER D 52 20.35 -49.94 -5.73
C SER D 52 21.38 -50.60 -4.84
N SER D 53 20.89 -51.54 -4.02
CA SER D 53 21.76 -52.22 -3.06
C SER D 53 22.95 -52.87 -3.74
N HIS D 54 22.77 -53.37 -4.96
CA HIS D 54 23.84 -54.04 -5.69
C HIS D 54 24.17 -53.35 -7.02
N SER D 55 23.73 -52.10 -7.18
CA SER D 55 24.11 -51.21 -8.27
C SER D 55 23.42 -51.53 -9.60
N ASN D 56 22.38 -52.35 -9.61
CA ASN D 56 21.76 -52.73 -10.88
C ASN D 56 20.72 -51.73 -11.35
N LEU D 57 20.23 -50.86 -10.47
CA LEU D 57 19.37 -49.76 -10.86
C LEU D 57 20.02 -48.45 -10.43
N ILE D 58 20.18 -47.52 -11.36
CA ILE D 58 20.81 -46.24 -11.08
C ILE D 58 20.05 -45.16 -11.82
N TYR D 59 19.69 -44.10 -11.09
CA TYR D 59 18.98 -42.96 -11.64
C TYR D 59 19.76 -41.69 -11.34
N TYR D 60 19.47 -40.65 -12.12
CA TYR D 60 20.10 -39.35 -11.97
C TYR D 60 19.05 -38.27 -12.19
N ALA D 61 19.13 -37.19 -11.42
CA ALA D 61 18.34 -36.01 -11.72
C ALA D 61 18.80 -35.42 -13.05
N THR D 62 17.88 -34.80 -13.78
CA THR D 62 18.26 -34.19 -15.06
C THR D 62 19.41 -33.22 -14.88
N SER D 63 19.39 -32.45 -13.79
CA SER D 63 20.37 -31.40 -13.55
C SER D 63 21.80 -31.89 -13.57
N VAL D 64 22.02 -33.20 -13.57
CA VAL D 64 23.34 -33.73 -13.25
C VAL D 64 23.65 -34.96 -14.09
N LYS D 65 22.69 -35.35 -14.93
CA LYS D 65 22.86 -36.53 -15.77
C LYS D 65 24.00 -36.29 -16.76
N GLY D 66 24.97 -37.22 -16.75
CA GLY D 66 26.09 -37.17 -17.66
C GLY D 66 27.36 -36.60 -17.07
N ARG D 67 27.26 -35.92 -15.93
CA ARG D 67 28.42 -35.33 -15.28
C ARG D 67 28.79 -36.01 -13.97
N PHE D 68 27.81 -36.51 -13.20
CA PHE D 68 28.10 -37.28 -12.00
C PHE D 68 27.85 -38.75 -12.27
N THR D 69 28.58 -39.60 -11.54
CA THR D 69 28.35 -41.04 -11.58
C THR D 69 28.39 -41.59 -10.17
N ILE D 70 27.29 -42.23 -9.75
CA ILE D 70 27.19 -42.79 -8.42
C ILE D 70 27.69 -44.22 -8.43
N SER D 71 28.24 -44.66 -7.31
CA SER D 71 28.77 -46.00 -7.20
C SER D 71 28.88 -46.38 -5.72
N ARG D 72 28.90 -47.68 -5.46
CA ARG D 72 28.99 -48.20 -4.11
C ARG D 72 29.92 -49.39 -4.05
N ASP D 73 30.53 -49.61 -2.88
CA ASP D 73 31.42 -50.73 -2.60
C ASP D 73 30.90 -51.40 -1.33
N ASN D 74 29.98 -52.36 -1.48
CA ASN D 74 29.32 -52.95 -0.32
C ASN D 74 30.31 -53.48 0.71
N ALA D 75 31.46 -54.00 0.27
CA ALA D 75 32.44 -54.54 1.20
C ALA D 75 32.97 -53.45 2.13
N LYS D 76 33.10 -52.23 1.61
CA LYS D 76 33.56 -51.08 2.36
C LYS D 76 32.44 -50.36 3.09
N ASN D 77 31.19 -50.79 2.91
CA ASN D 77 30.03 -50.05 3.36
C ASN D 77 30.18 -48.56 3.03
N SER D 78 30.30 -48.27 1.73
CA SER D 78 30.62 -46.92 1.28
C SER D 78 29.88 -46.57 -0.01
N LEU D 79 29.37 -45.35 -0.05
CA LEU D 79 28.74 -44.76 -1.22
C LEU D 79 29.68 -43.70 -1.78
N TYR D 80 29.65 -43.53 -3.10
CA TYR D 80 30.51 -42.55 -3.76
C TYR D 80 29.71 -41.74 -4.77
N LEU D 81 30.18 -40.52 -5.03
CA LEU D 81 29.62 -39.67 -6.08
C LEU D 81 30.79 -38.95 -6.75
N GLN D 82 31.19 -39.45 -7.92
CA GLN D 82 32.22 -38.81 -8.71
C GLN D 82 31.59 -37.67 -9.51
N MET D 83 32.07 -36.45 -9.30
CA MET D 83 31.50 -35.25 -9.90
C MET D 83 32.53 -34.62 -10.83
N ASN D 84 32.23 -34.54 -12.12
CA ASN D 84 33.12 -33.92 -13.08
C ASN D 84 32.36 -32.86 -13.86
N SER D 85 33.12 -31.97 -14.50
CA SER D 85 32.58 -30.82 -15.21
C SER D 85 31.67 -30.00 -14.28
N LEU D 86 32.21 -29.67 -13.10
CA LEU D 86 31.45 -28.96 -12.08
C LEU D 86 31.15 -27.53 -12.52
N ARG D 87 30.08 -26.98 -11.97
CA ARG D 87 29.59 -25.66 -12.35
C ARG D 87 29.25 -24.90 -11.08
N ALA D 88 29.15 -23.57 -11.21
CA ALA D 88 28.82 -22.76 -10.05
C ALA D 88 27.49 -23.18 -9.42
N GLU D 89 26.54 -23.63 -10.23
CA GLU D 89 25.22 -24.01 -9.74
C GLU D 89 25.21 -25.35 -9.02
N ASP D 90 26.29 -26.13 -9.12
CA ASP D 90 26.40 -27.35 -8.34
C ASP D 90 26.84 -27.09 -6.90
N THR D 91 27.17 -25.84 -6.56
CA THR D 91 27.59 -25.49 -5.22
C THR D 91 26.47 -25.79 -4.23
N ALA D 92 26.77 -26.57 -3.21
CA ALA D 92 25.74 -26.96 -2.25
C ALA D 92 26.32 -27.89 -1.20
N LEU D 93 25.53 -28.12 -0.16
CA LEU D 93 25.78 -29.19 0.79
C LEU D 93 25.25 -30.49 0.21
N TYR D 94 26.04 -31.55 0.27
CA TYR D 94 25.71 -32.82 -0.38
C TYR D 94 25.43 -33.84 0.72
N TYR D 95 24.17 -34.28 0.79
CA TYR D 95 23.74 -35.23 1.81
C TYR D 95 23.81 -36.66 1.28
N CYS D 96 24.37 -37.55 2.07
CA CYS D 96 24.22 -38.99 1.89
C CYS D 96 22.98 -39.43 2.67
N ALA D 97 22.05 -40.10 1.98
CA ALA D 97 20.78 -40.49 2.58
C ALA D 97 20.39 -41.88 2.12
N ARG D 98 19.75 -42.62 3.01
CA ARG D 98 19.40 -44.01 2.75
C ARG D 98 18.00 -44.10 2.13
N GLY D 99 17.90 -44.88 1.07
CA GLY D 99 16.61 -45.11 0.43
C GLY D 99 15.87 -46.26 1.06
N GLY D 100 15.11 -47.03 0.29
CA GLY D 100 14.30 -48.11 0.86
C GLY D 100 14.96 -49.46 0.80
N SER D 101 14.37 -50.40 1.50
CA SER D 101 14.75 -51.82 1.48
C SER D 101 13.91 -52.54 0.43
N LEU D 102 12.85 -51.90 -0.07
CA LEU D 102 12.08 -52.24 -1.28
C LEU D 102 12.36 -51.16 -2.34
N HIS D 103 11.96 -51.35 -3.58
CA HIS D 103 12.06 -50.34 -4.60
C HIS D 103 11.01 -49.26 -4.39
N PRO D 104 11.31 -48.01 -4.74
CA PRO D 104 10.29 -46.94 -4.55
C PRO D 104 9.01 -47.21 -5.32
N SER D 105 9.11 -47.87 -6.48
CA SER D 105 7.90 -48.30 -7.19
C SER D 105 7.01 -49.17 -6.31
N ALA D 106 7.58 -49.83 -5.29
CA ALA D 106 6.85 -50.72 -4.40
C ALA D 106 6.46 -50.04 -3.09
N GLY D 107 6.59 -48.72 -2.99
CA GLY D 107 6.12 -47.99 -1.84
C GLY D 107 7.18 -47.53 -0.85
N ALA D 108 8.40 -48.05 -0.96
CA ALA D 108 9.49 -47.59 -0.10
C ALA D 108 10.18 -46.40 -0.77
N ASP D 109 9.48 -45.28 -0.75
CA ASP D 109 9.82 -44.12 -1.55
C ASP D 109 10.19 -42.89 -0.72
N TRP D 110 10.49 -43.09 0.56
CA TRP D 110 10.99 -42.00 1.38
C TRP D 110 12.49 -42.13 1.55
N ILE D 111 13.07 -41.24 2.36
CA ILE D 111 14.52 -41.14 2.53
C ILE D 111 14.81 -40.97 4.01
N ASP D 112 15.55 -41.92 4.60
CA ASP D 112 15.78 -41.85 6.04
C ASP D 112 16.88 -42.81 6.46
N PRO D 113 17.87 -42.35 7.24
CA PRO D 113 18.14 -40.99 7.71
C PRO D 113 19.09 -40.25 6.76
N TRP D 114 19.50 -39.04 7.13
CA TRP D 114 20.36 -38.21 6.31
C TRP D 114 21.67 -37.95 7.06
N GLY D 115 22.80 -38.08 6.36
CA GLY D 115 24.08 -37.69 6.93
C GLY D 115 24.09 -36.20 7.24
N GLN D 116 25.18 -35.71 7.83
CA GLN D 116 25.26 -34.29 8.13
C GLN D 116 25.71 -33.47 6.94
N GLY D 117 26.30 -34.10 5.93
CA GLY D 117 26.57 -33.45 4.67
C GLY D 117 28.00 -32.94 4.57
N THR D 118 28.45 -32.80 3.33
CA THR D 118 29.80 -32.35 3.00
C THR D 118 29.69 -31.25 1.95
N LEU D 119 30.32 -30.12 2.21
CA LEU D 119 30.13 -28.93 1.40
C LEU D 119 31.06 -28.92 0.19
N VAL D 120 30.51 -28.61 -0.97
CA VAL D 120 31.25 -28.50 -2.22
C VAL D 120 31.01 -27.11 -2.77
N THR D 121 32.08 -26.34 -2.93
CA THR D 121 31.99 -24.98 -3.44
C THR D 121 32.63 -24.90 -4.81
N VAL D 122 31.86 -24.47 -5.81
CA VAL D 122 32.30 -24.39 -7.19
C VAL D 122 32.37 -22.92 -7.57
N SER D 123 33.56 -22.33 -7.49
CA SER D 123 33.75 -20.92 -7.81
C SER D 123 35.18 -20.70 -8.25
N SER D 124 35.38 -19.75 -9.15
CA SER D 124 36.72 -19.33 -9.55
C SER D 124 37.09 -17.97 -8.96
N ALA D 125 36.31 -17.47 -7.99
CA ALA D 125 36.57 -16.17 -7.41
C ALA D 125 37.84 -16.19 -6.55
N SER D 126 38.52 -15.05 -6.54
CA SER D 126 39.72 -14.85 -5.73
C SER D 126 39.66 -13.46 -5.12
N THR D 127 40.66 -13.11 -4.32
CA THR D 127 40.66 -11.83 -3.62
C THR D 127 40.40 -10.68 -4.59
N LYS D 128 39.39 -9.87 -4.27
CA LYS D 128 39.05 -8.72 -5.08
C LYS D 128 38.43 -7.66 -4.18
N GLY D 129 38.94 -6.44 -4.26
CA GLY D 129 38.39 -5.34 -3.51
C GLY D 129 37.09 -4.86 -4.11
N PRO D 130 36.28 -4.14 -3.34
CA PRO D 130 34.97 -3.72 -3.81
C PRO D 130 34.98 -2.40 -4.57
N SER D 131 33.97 -2.23 -5.41
CA SER D 131 33.59 -0.92 -5.93
C SER D 131 32.50 -0.35 -5.03
N VAL D 132 32.62 0.92 -4.67
CA VAL D 132 31.68 1.59 -3.79
C VAL D 132 30.92 2.64 -4.57
N PHE D 133 29.58 2.57 -4.54
CA PHE D 133 28.71 3.52 -5.19
C PHE D 133 27.80 4.20 -4.16
N PRO D 134 27.50 5.48 -4.35
CA PRO D 134 26.58 6.15 -3.42
C PRO D 134 25.15 5.87 -3.81
N LEU D 135 24.30 5.60 -2.81
CA LEU D 135 22.84 5.53 -3.01
C LEU D 135 22.27 6.81 -2.41
N ALA D 136 22.03 7.80 -3.23
CA ALA D 136 21.65 9.14 -2.81
C ALA D 136 20.22 9.17 -2.24
N PRO D 137 19.96 10.07 -1.27
CA PRO D 137 18.62 10.25 -0.70
C PRO D 137 17.66 10.88 -1.72
N THR D 146 12.35 12.43 7.86
CA THR D 146 13.53 11.59 7.69
C THR D 146 13.90 11.32 6.22
N ALA D 147 15.17 11.01 5.99
CA ALA D 147 15.69 10.63 4.69
C ALA D 147 16.71 9.52 4.86
N ALA D 148 16.75 8.61 3.90
CA ALA D 148 17.70 7.50 3.91
C ALA D 148 18.71 7.67 2.78
N LEU D 149 19.95 7.29 3.06
CA LEU D 149 21.04 7.30 2.10
C LEU D 149 21.97 6.14 2.48
N GLY D 150 22.80 5.73 1.53
CA GLY D 150 23.61 4.55 1.78
C GLY D 150 24.82 4.41 0.88
N CYS D 151 25.53 3.29 1.04
CA CYS D 151 26.69 2.93 0.22
C CYS D 151 26.48 1.49 -0.28
N LEU D 152 26.59 1.30 -1.59
CA LEU D 152 26.60 -0.03 -2.19
C LEU D 152 28.03 -0.53 -2.31
N VAL D 153 28.43 -1.55 -1.56
CA VAL D 153 29.76 -2.18 -1.62
C VAL D 153 29.60 -3.35 -2.57
N LYS D 154 30.19 -3.29 -3.74
CA LYS D 154 29.89 -4.25 -4.78
C LYS D 154 31.08 -5.13 -5.18
N ASP D 155 30.81 -6.37 -5.54
CA ASP D 155 31.75 -7.35 -6.10
C ASP D 155 33.03 -7.48 -5.25
N TYR D 156 33.00 -8.00 -4.06
CA TYR D 156 34.24 -8.17 -3.29
C TYR D 156 34.35 -9.63 -2.89
N PHE D 157 35.55 -10.15 -2.75
CA PHE D 157 35.74 -11.53 -2.30
C PHE D 157 37.01 -11.56 -1.44
N PRO D 158 37.20 -12.33 -0.34
CA PRO D 158 36.18 -13.05 0.44
C PRO D 158 35.53 -12.10 1.44
N GLU D 159 34.76 -12.61 2.38
CA GLU D 159 34.13 -11.78 3.40
C GLU D 159 35.16 -11.50 4.51
N PRO D 160 34.95 -10.59 5.46
CA PRO D 160 33.96 -9.52 5.48
C PRO D 160 34.48 -8.17 5.01
N VAL D 161 33.56 -7.23 4.86
CA VAL D 161 33.89 -5.80 4.74
C VAL D 161 33.20 -5.13 5.93
N THR D 162 33.80 -4.14 6.53
CA THR D 162 33.22 -3.34 7.60
C THR D 162 32.89 -1.96 7.05
N VAL D 163 31.77 -1.40 7.48
CA VAL D 163 31.35 -0.07 7.05
C VAL D 163 31.13 0.77 8.31
N SER D 164 31.77 1.93 8.35
CA SER D 164 31.52 2.95 9.35
C SER D 164 31.10 4.22 8.60
N TRP D 165 30.49 5.14 9.32
CA TRP D 165 30.01 6.40 8.75
C TRP D 165 30.67 7.55 9.49
N ASN D 166 31.22 8.50 8.74
CA ASN D 166 31.96 9.62 9.29
C ASN D 166 32.93 9.13 10.37
N SER D 167 33.77 8.18 9.97
CA SER D 167 34.84 7.63 10.81
C SER D 167 34.32 7.22 12.18
N GLY D 168 33.13 6.62 12.22
CA GLY D 168 32.58 6.14 13.46
C GLY D 168 31.87 7.19 14.30
N ALA D 169 31.92 8.45 13.90
CA ALA D 169 31.14 9.48 14.59
C ALA D 169 29.64 9.21 14.46
N LEU D 170 29.21 8.74 13.29
CA LEU D 170 27.80 8.42 13.05
C LEU D 170 27.58 6.95 13.39
N THR D 171 26.76 6.70 14.41
CA THR D 171 26.49 5.34 14.88
C THR D 171 24.99 5.14 14.97
N SER D 172 24.24 6.23 15.13
CA SER D 172 22.79 6.15 15.27
C SER D 172 22.13 6.10 13.90
N GLY D 173 21.18 5.19 13.74
CA GLY D 173 20.50 5.02 12.48
C GLY D 173 21.29 4.29 11.43
N VAL D 174 22.40 3.65 11.81
CA VAL D 174 23.27 2.95 10.87
C VAL D 174 22.81 1.50 10.79
N HIS D 175 22.44 1.06 9.60
CA HIS D 175 22.04 -0.32 9.35
C HIS D 175 22.86 -0.86 8.20
N THR D 176 23.80 -1.76 8.50
CA THR D 176 24.62 -2.44 7.49
C THR D 176 24.06 -3.85 7.29
N PHE D 177 23.66 -4.16 6.06
CA PHE D 177 22.92 -5.38 5.77
C PHE D 177 23.87 -6.52 5.46
N PRO D 178 23.50 -7.75 5.84
CA PRO D 178 24.28 -8.91 5.43
C PRO D 178 24.46 -8.96 3.92
N ALA D 179 25.59 -9.51 3.49
CA ALA D 179 25.94 -9.51 2.09
C ALA D 179 25.19 -10.58 1.33
N VAL D 180 25.06 -10.37 0.01
CA VAL D 180 24.49 -11.34 -0.91
C VAL D 180 25.63 -11.99 -1.68
N LEU D 181 25.51 -13.30 -1.93
CA LEU D 181 26.48 -14.07 -2.70
C LEU D 181 25.91 -14.24 -4.10
N GLN D 182 26.54 -13.60 -5.08
CA GLN D 182 26.06 -13.67 -6.45
C GLN D 182 26.51 -14.98 -7.12
N SER D 183 25.94 -15.25 -8.29
CA SER D 183 26.44 -16.35 -9.11
C SER D 183 27.93 -16.18 -9.38
N SER D 184 28.41 -14.92 -9.40
CA SER D 184 29.82 -14.64 -9.63
C SER D 184 30.73 -15.27 -8.59
N GLY D 185 30.17 -15.70 -7.45
CA GLY D 185 30.98 -15.97 -6.29
C GLY D 185 31.45 -14.74 -5.56
N LEU D 186 31.20 -13.56 -6.13
CA LEU D 186 31.54 -12.29 -5.49
C LEU D 186 30.38 -11.80 -4.61
N TYR D 187 30.75 -11.16 -3.52
CA TYR D 187 29.78 -10.65 -2.57
C TYR D 187 29.41 -9.19 -2.87
N SER D 188 28.35 -8.74 -2.21
CA SER D 188 27.86 -7.38 -2.32
C SER D 188 26.99 -7.09 -1.10
N LEU D 189 27.17 -5.91 -0.50
CA LEU D 189 26.32 -5.52 0.61
C LEU D 189 26.02 -4.03 0.53
N SER D 190 25.07 -3.59 1.36
CA SER D 190 24.71 -2.17 1.43
C SER D 190 24.71 -1.73 2.89
N SER D 191 25.05 -0.46 3.09
CA SER D 191 24.95 0.20 4.38
C SER D 191 24.08 1.43 4.19
N VAL D 192 23.01 1.52 4.98
CA VAL D 192 22.13 2.67 4.96
C VAL D 192 22.16 3.33 6.34
N VAL D 193 22.09 4.66 6.35
CA VAL D 193 21.97 5.44 7.57
C VAL D 193 20.79 6.39 7.38
N THR D 194 19.79 6.30 8.25
CA THR D 194 18.65 7.21 8.22
C THR D 194 19.00 8.46 9.02
N VAL D 195 18.81 9.62 8.40
CA VAL D 195 19.21 10.89 9.01
C VAL D 195 18.03 11.86 8.95
N PRO D 196 18.10 13.01 9.62
CA PRO D 196 17.04 14.01 9.47
C PRO D 196 17.00 14.59 8.06
N SER D 197 15.79 14.64 7.49
CA SER D 197 15.60 15.31 6.20
C SER D 197 16.08 16.75 6.25
N SER D 198 16.08 17.35 7.43
CA SER D 198 16.51 18.74 7.57
C SER D 198 17.98 18.91 7.20
N SER D 199 18.81 17.90 7.51
CA SER D 199 20.26 18.08 7.53
C SER D 199 20.91 17.86 6.18
N LEU D 200 20.15 17.48 5.15
CA LEU D 200 20.77 16.94 3.94
C LEU D 200 21.71 17.94 3.29
N GLY D 201 21.30 19.20 3.17
CA GLY D 201 22.21 20.22 2.68
C GLY D 201 23.25 20.67 3.69
N THR D 202 22.96 20.50 4.98
CA THR D 202 23.88 20.92 6.03
C THR D 202 25.04 19.95 6.18
N GLN D 203 24.73 18.73 6.59
CA GLN D 203 25.74 17.81 7.05
C GLN D 203 26.29 16.96 5.92
N THR D 204 27.60 16.70 5.99
CA THR D 204 28.26 15.78 5.07
C THR D 204 28.20 14.37 5.61
N TYR D 205 27.73 13.38 4.83
CA TYR D 205 27.71 11.96 5.19
C TYR D 205 28.77 11.22 4.36
N ILE D 206 29.70 10.53 4.98
CA ILE D 206 30.78 9.81 4.25
C ILE D 206 30.79 8.37 4.73
N CYS D 207 30.73 7.38 3.85
CA CYS D 207 30.81 5.96 4.22
C CYS D 207 32.28 5.57 4.20
N ASN D 208 32.72 4.73 5.09
CA ASN D 208 34.13 4.31 5.20
C ASN D 208 34.13 2.79 5.09
N VAL D 209 34.44 2.24 3.94
CA VAL D 209 34.46 0.78 3.72
C VAL D 209 35.87 0.23 3.94
N ASN D 210 36.02 -0.87 4.63
CA ASN D 210 37.31 -1.56 4.78
C ASN D 210 37.16 -3.01 4.37
N HIS D 211 37.98 -3.43 3.39
CA HIS D 211 38.08 -4.81 2.93
C HIS D 211 39.50 -5.28 3.25
N LYS D 212 39.71 -5.72 4.49
CA LYS D 212 41.04 -6.14 4.89
C LYS D 212 41.60 -7.23 3.99
N PRO D 213 40.81 -8.19 3.49
CA PRO D 213 41.41 -9.26 2.67
C PRO D 213 42.14 -8.75 1.43
N SER D 214 41.65 -7.68 0.79
CA SER D 214 42.32 -7.11 -0.36
C SER D 214 43.05 -5.81 0.00
N ASN D 215 43.21 -5.53 1.29
CA ASN D 215 43.85 -4.32 1.78
C ASN D 215 43.36 -3.10 1.01
N THR D 216 42.05 -2.89 1.09
CA THR D 216 41.37 -1.79 0.42
C THR D 216 40.50 -1.06 1.42
N LYS D 217 40.75 0.24 1.58
CA LYS D 217 39.87 1.15 2.31
C LYS D 217 39.35 2.18 1.32
N VAL D 218 38.06 2.47 1.38
CA VAL D 218 37.40 3.42 0.49
C VAL D 218 36.54 4.34 1.34
N ASP D 219 36.63 5.65 1.07
CA ASP D 219 35.81 6.66 1.71
C ASP D 219 35.02 7.39 0.64
N LYS D 220 33.69 7.40 0.77
CA LYS D 220 32.79 7.86 -0.27
C LYS D 220 31.77 8.80 0.34
N LYS D 221 31.71 10.03 -0.17
CA LYS D 221 30.76 11.02 0.31
C LYS D 221 29.45 10.85 -0.46
N VAL D 222 28.34 10.78 0.28
CA VAL D 222 27.02 10.58 -0.30
C VAL D 222 26.26 11.89 -0.15
N GLU D 223 25.78 12.43 -1.27
CA GLU D 223 25.02 13.65 -1.30
C GLU D 223 23.94 13.53 -2.35
N PRO D 224 22.91 14.39 -2.30
CA PRO D 224 21.81 14.37 -3.27
C PRO D 224 22.26 14.58 -4.72
N PRO E 2 -8.64 -54.12 -3.30
CA PRO E 2 -7.79 -53.18 -2.55
C PRO E 2 -6.94 -52.27 -3.43
N SER E 3 -6.65 -51.09 -2.91
CA SER E 3 -5.96 -50.04 -3.62
C SER E 3 -4.51 -50.42 -3.91
N ASP E 4 -3.91 -49.72 -4.88
CA ASP E 4 -2.48 -49.92 -5.15
C ASP E 4 -1.65 -49.58 -3.92
N LYS E 5 -2.06 -48.55 -3.16
CA LYS E 5 -1.26 -48.11 -2.03
C LYS E 5 -1.41 -49.06 -0.83
N HIS E 6 -2.63 -49.56 -0.59
CA HIS E 6 -2.82 -50.55 0.47
C HIS E 6 -1.97 -51.79 0.23
N ILE E 7 -1.99 -52.31 -0.99
CA ILE E 7 -1.10 -53.41 -1.36
C ILE E 7 0.32 -53.09 -0.93
N LYS E 8 0.79 -51.89 -1.30
CA LYS E 8 2.19 -51.53 -1.03
C LYS E 8 2.45 -51.37 0.46
N GLU E 9 1.49 -50.81 1.19
CA GLU E 9 1.62 -50.74 2.65
C GLU E 9 1.84 -52.13 3.23
N TYR E 10 1.01 -53.10 2.81
CA TYR E 10 1.20 -54.47 3.28
C TYR E 10 2.56 -55.01 2.83
N LEU E 11 2.98 -54.67 1.60
CA LEU E 11 4.25 -55.16 1.08
C LEU E 11 5.43 -54.68 1.92
N ASN E 12 5.35 -53.48 2.49
CA ASN E 12 6.46 -53.00 3.32
C ASN E 12 6.43 -53.59 4.72
N LYS E 13 5.25 -53.99 5.20
CA LYS E 13 5.18 -54.63 6.51
C LYS E 13 5.73 -56.06 6.45
N ILE E 14 5.33 -56.83 5.45
CA ILE E 14 5.73 -58.23 5.38
C ILE E 14 6.97 -58.45 4.50
N GLN E 15 7.71 -57.40 4.19
CA GLN E 15 8.73 -57.51 3.15
C GLN E 15 9.84 -58.50 3.49
N ASN E 16 10.08 -58.79 4.76
CA ASN E 16 11.14 -59.73 5.13
C ASN E 16 10.68 -61.17 5.11
N SER E 17 9.38 -61.41 5.09
CA SER E 17 8.82 -62.74 4.84
C SER E 17 8.25 -62.86 3.43
N LEU E 18 8.62 -61.93 2.54
CA LEU E 18 8.21 -62.02 1.14
C LEU E 18 9.03 -63.09 0.44
N SER E 19 8.33 -64.04 -0.17
CA SER E 19 8.98 -65.22 -0.70
C SER E 19 8.54 -65.45 -2.13
N THR E 20 9.13 -66.48 -2.72
CA THR E 20 8.61 -67.03 -3.96
C THR E 20 7.21 -67.61 -3.77
N GLU E 21 6.88 -68.06 -2.56
CA GLU E 21 5.56 -68.61 -2.26
C GLU E 21 4.59 -67.51 -1.83
N TRP E 22 3.30 -67.77 -2.01
CA TRP E 22 2.29 -66.73 -1.88
C TRP E 22 2.17 -66.24 -0.44
N SER E 23 1.90 -64.94 -0.31
CA SER E 23 1.68 -64.33 0.98
C SER E 23 0.40 -64.87 1.62
N PRO E 24 0.24 -64.69 2.93
CA PRO E 24 -1.09 -64.72 3.53
C PRO E 24 -1.89 -63.50 3.09
N CYS E 25 -3.20 -63.61 3.19
CA CYS E 25 -4.16 -62.57 2.78
C CYS E 25 -3.95 -61.38 3.72
N SER E 26 -3.97 -60.16 3.21
CA SER E 26 -3.72 -58.95 3.99
C SER E 26 -4.78 -58.70 5.05
N VAL E 27 -5.95 -59.30 4.89
CA VAL E 27 -7.08 -59.05 5.79
C VAL E 27 -7.65 -60.39 6.24
N THR E 28 -8.22 -60.40 7.45
CA THR E 28 -8.91 -61.58 7.94
C THR E 28 -10.39 -61.59 7.58
N CYS E 29 -10.96 -60.44 7.23
CA CYS E 29 -12.36 -60.34 6.84
C CYS E 29 -12.48 -59.40 5.65
N GLY E 30 -13.20 -59.84 4.62
CA GLY E 30 -13.39 -59.03 3.43
C GLY E 30 -12.39 -59.36 2.34
N ASN E 31 -12.34 -58.45 1.36
CA ASN E 31 -11.48 -58.61 0.20
C ASN E 31 -10.10 -58.05 0.51
N GLY E 32 -9.08 -58.91 0.44
CA GLY E 32 -7.70 -58.51 0.69
C GLY E 32 -6.81 -58.77 -0.52
N ILE E 33 -5.52 -59.01 -0.27
CA ILE E 33 -4.55 -59.24 -1.33
C ILE E 33 -3.51 -60.26 -0.88
N GLN E 34 -3.00 -61.01 -1.84
CA GLN E 34 -1.84 -61.87 -1.64
C GLN E 34 -0.77 -61.49 -2.64
N VAL E 35 0.50 -61.69 -2.26
CA VAL E 35 1.62 -61.24 -3.08
C VAL E 35 2.75 -62.27 -3.01
N ARG E 36 3.59 -62.23 -4.04
CA ARG E 36 4.77 -63.07 -4.08
C ARG E 36 5.75 -62.53 -5.11
N ILE E 37 7.01 -62.91 -4.95
CA ILE E 37 8.02 -62.64 -5.95
C ILE E 37 7.71 -63.46 -7.20
N LYS E 38 7.77 -62.81 -8.36
CA LYS E 38 7.60 -63.52 -9.61
C LYS E 38 8.64 -64.64 -9.69
N PRO E 39 8.29 -65.81 -10.25
CA PRO E 39 9.25 -66.93 -10.27
C PRO E 39 10.62 -66.56 -10.82
N GLY E 40 10.67 -65.84 -11.94
CA GLY E 40 11.94 -65.56 -12.60
C GLY E 40 12.85 -64.59 -11.89
N SER E 41 12.41 -63.99 -10.78
CA SER E 41 13.18 -62.94 -10.12
C SER E 41 13.57 -63.31 -8.69
N ALA E 42 13.49 -64.57 -8.29
CA ALA E 42 13.76 -65.00 -6.91
C ALA E 42 15.19 -64.68 -6.48
N ASN E 43 16.15 -64.55 -7.40
CA ASN E 43 17.55 -64.24 -7.03
C ASN E 43 17.76 -62.72 -6.93
N LYS E 44 16.88 -61.92 -7.49
CA LYS E 44 17.01 -60.44 -7.47
C LYS E 44 17.03 -59.93 -6.03
N PRO E 45 17.92 -59.01 -5.62
CA PRO E 45 17.81 -58.39 -4.30
C PRO E 45 16.44 -57.71 -4.13
N LYS E 46 15.87 -57.75 -2.94
CA LYS E 46 14.48 -57.28 -2.70
C LYS E 46 14.26 -55.83 -3.17
N ASP E 47 15.22 -54.96 -3.00
CA ASP E 47 15.11 -53.53 -3.31
C ASP E 47 15.14 -53.27 -4.81
N GLU E 48 15.64 -54.20 -5.62
CA GLU E 48 15.65 -54.07 -7.07
C GLU E 48 14.43 -54.71 -7.72
N LEU E 49 13.44 -55.12 -6.93
CA LEU E 49 12.25 -55.78 -7.45
C LEU E 49 11.26 -54.72 -7.90
N ASP E 50 11.00 -54.64 -9.21
CA ASP E 50 10.02 -53.67 -9.69
C ASP E 50 8.61 -54.15 -9.37
N TYR E 51 7.80 -53.28 -8.78
CA TYR E 51 6.46 -53.67 -8.34
C TYR E 51 5.57 -54.12 -9.49
N ALA E 52 5.80 -53.61 -10.70
CA ALA E 52 4.86 -53.84 -11.79
C ALA E 52 4.93 -55.28 -12.30
N ASN E 53 6.14 -55.68 -12.65
CA ASN E 53 6.39 -56.96 -13.31
C ASN E 53 7.36 -57.87 -12.58
N ASP E 54 7.85 -57.54 -11.38
CA ASP E 54 8.65 -58.51 -10.61
C ASP E 54 7.90 -58.95 -9.35
N ILE E 55 6.69 -58.51 -9.14
CA ILE E 55 5.92 -58.88 -7.93
C ILE E 55 4.49 -59.20 -8.37
N GLU E 56 4.01 -60.42 -8.16
CA GLU E 56 2.65 -60.80 -8.55
C GLU E 56 1.68 -60.56 -7.39
N LYS E 57 0.42 -60.35 -7.75
CA LYS E 57 -0.60 -59.92 -6.81
C LYS E 57 -1.88 -60.67 -7.18
N LYS E 58 -2.58 -61.16 -6.17
CA LYS E 58 -3.89 -61.77 -6.38
C LYS E 58 -4.83 -61.45 -5.22
N ILE E 59 -6.12 -61.26 -5.51
CA ILE E 59 -7.16 -60.90 -4.51
C ILE E 59 -7.53 -62.16 -3.74
N CYS E 60 -7.93 -62.04 -2.48
CA CYS E 60 -8.36 -63.19 -1.67
C CYS E 60 -9.66 -62.79 -0.96
N LYS E 61 -10.72 -63.59 -1.08
CA LYS E 61 -12.03 -63.28 -0.47
C LYS E 61 -12.08 -64.03 0.87
N MET E 62 -12.62 -63.43 1.92
CA MET E 62 -12.75 -64.00 3.26
C MET E 62 -14.14 -63.73 3.84
N PRO F 2 -10.84 55.87 -25.50
CA PRO F 2 -11.12 55.57 -24.08
C PRO F 2 -11.93 54.29 -23.90
N SER F 3 -11.25 53.22 -23.49
CA SER F 3 -11.89 51.91 -23.33
C SER F 3 -13.10 52.01 -22.41
N ASP F 4 -14.04 51.07 -22.60
CA ASP F 4 -15.15 50.98 -21.65
C ASP F 4 -14.66 50.55 -20.28
N LYS F 5 -13.54 49.82 -20.22
CA LYS F 5 -12.95 49.51 -18.92
C LYS F 5 -12.48 50.77 -18.21
N HIS F 6 -11.81 51.67 -18.95
CA HIS F 6 -11.28 52.87 -18.30
C HIS F 6 -12.40 53.82 -17.88
N ILE F 7 -13.45 53.95 -18.70
CA ILE F 7 -14.59 54.77 -18.29
C ILE F 7 -15.17 54.24 -16.98
N LYS F 8 -15.37 52.92 -16.91
CA LYS F 8 -15.91 52.32 -15.69
C LYS F 8 -14.95 52.52 -14.52
N GLU F 9 -13.64 52.34 -14.76
CA GLU F 9 -12.66 52.61 -13.72
C GLU F 9 -12.77 54.06 -13.24
N TYR F 10 -12.84 55.01 -14.17
CA TYR F 10 -13.02 56.41 -13.77
C TYR F 10 -14.31 56.61 -13.00
N LEU F 11 -15.40 55.96 -13.44
CA LEU F 11 -16.65 56.04 -12.71
C LEU F 11 -16.47 55.67 -11.24
N ASN F 12 -15.86 54.51 -10.97
CA ASN F 12 -15.74 54.06 -9.58
C ASN F 12 -14.87 55.00 -8.76
N LYS F 13 -13.92 55.68 -9.38
CA LYS F 13 -13.03 56.55 -8.63
C LYS F 13 -13.72 57.84 -8.22
N ILE F 14 -14.51 58.43 -9.10
CA ILE F 14 -15.15 59.71 -8.82
C ILE F 14 -16.61 59.54 -8.45
N GLN F 15 -17.01 58.35 -7.99
CA GLN F 15 -18.43 58.09 -7.79
C GLN F 15 -19.04 59.03 -6.76
N ASN F 16 -18.29 59.38 -5.72
CA ASN F 16 -18.81 60.28 -4.69
C ASN F 16 -19.12 61.67 -5.25
N SER F 17 -18.43 62.06 -6.30
CA SER F 17 -18.66 63.37 -6.92
C SER F 17 -19.62 63.22 -8.10
N LEU F 18 -20.03 62.02 -8.48
CA LEU F 18 -20.94 61.77 -9.61
C LEU F 18 -22.20 62.62 -9.41
N SER F 19 -22.64 63.36 -10.43
CA SER F 19 -23.77 64.33 -10.39
C SER F 19 -24.35 64.51 -11.80
N THR F 20 -25.34 65.37 -11.95
CA THR F 20 -25.93 65.72 -13.26
C THR F 20 -25.04 66.75 -13.95
N GLU F 21 -24.21 67.46 -13.19
CA GLU F 21 -23.23 68.42 -13.71
C GLU F 21 -22.06 67.57 -14.23
N TRP F 22 -21.52 67.85 -15.42
CA TRP F 22 -20.46 67.08 -16.02
C TRP F 22 -19.24 66.98 -15.10
N SER F 23 -18.64 65.82 -15.08
CA SER F 23 -17.41 65.57 -14.36
C SER F 23 -16.26 66.36 -14.96
N PRO F 24 -15.20 66.62 -14.14
CA PRO F 24 -13.89 66.97 -14.74
C PRO F 24 -13.48 65.83 -15.66
N CYS F 25 -12.36 65.95 -16.35
CA CYS F 25 -12.02 64.99 -17.37
C CYS F 25 -11.03 63.93 -16.88
N SER F 26 -11.15 62.74 -17.47
CA SER F 26 -10.35 61.60 -17.06
C SER F 26 -8.86 61.92 -17.06
N VAL F 27 -8.39 62.60 -18.11
CA VAL F 27 -6.97 62.85 -18.32
C VAL F 27 -6.74 64.34 -18.44
N THR F 28 -5.47 64.74 -18.23
CA THR F 28 -5.01 66.08 -18.57
C THR F 28 -4.36 66.13 -19.94
N CYS F 29 -3.83 65.00 -20.43
CA CYS F 29 -3.17 64.89 -21.72
C CYS F 29 -3.93 63.91 -22.59
N GLY F 30 -4.11 64.28 -23.85
CA GLY F 30 -4.71 63.36 -24.81
C GLY F 30 -6.22 63.34 -24.76
N ASN F 31 -6.78 62.18 -25.11
CA ASN F 31 -8.23 61.98 -25.21
C ASN F 31 -8.73 61.19 -24.02
N GLY F 32 -9.75 61.70 -23.35
CA GLY F 32 -10.26 61.10 -22.13
C GLY F 32 -11.77 60.93 -22.19
N ILE F 33 -12.41 61.23 -21.06
CA ILE F 33 -13.84 61.05 -20.92
C ILE F 33 -14.30 61.88 -19.72
N GLN F 34 -15.49 62.47 -19.85
CA GLN F 34 -16.23 62.97 -18.70
C GLN F 34 -17.54 62.21 -18.62
N VAL F 35 -18.22 62.31 -17.47
CA VAL F 35 -19.44 61.55 -17.25
C VAL F 35 -20.37 62.35 -16.35
N ARG F 36 -21.64 62.01 -16.41
CA ARG F 36 -22.65 62.62 -15.55
C ARG F 36 -23.86 61.70 -15.50
N ILE F 37 -24.71 61.95 -14.52
CA ILE F 37 -25.99 61.25 -14.42
C ILE F 37 -26.99 61.92 -15.36
N LYS F 38 -27.62 61.14 -16.24
CA LYS F 38 -28.63 61.69 -17.14
C LYS F 38 -29.73 62.34 -16.32
N PRO F 39 -30.13 63.59 -16.61
CA PRO F 39 -30.96 64.34 -15.67
C PRO F 39 -32.22 63.63 -15.20
N GLY F 40 -32.83 62.78 -16.05
CA GLY F 40 -34.01 62.05 -15.61
C GLY F 40 -33.75 61.03 -14.53
N SER F 41 -32.48 60.80 -14.21
CA SER F 41 -32.06 59.76 -13.28
C SER F 41 -31.37 60.31 -12.05
N ALA F 42 -31.53 61.61 -11.79
CA ALA F 42 -30.80 62.23 -10.70
C ALA F 42 -31.30 61.76 -9.35
N ASN F 43 -32.50 61.18 -9.30
CA ASN F 43 -33.09 60.74 -8.05
C ASN F 43 -32.75 59.28 -7.71
N LYS F 44 -32.20 58.53 -8.66
CA LYS F 44 -31.94 57.12 -8.43
C LYS F 44 -30.71 56.94 -7.53
N PRO F 45 -30.73 55.97 -6.62
CA PRO F 45 -29.51 55.63 -5.87
C PRO F 45 -28.43 55.12 -6.82
N LYS F 46 -27.18 55.51 -6.53
CA LYS F 46 -26.12 55.39 -7.53
C LYS F 46 -25.82 53.93 -7.87
N ASP F 47 -26.04 53.00 -6.94
CA ASP F 47 -25.86 51.59 -7.27
C ASP F 47 -27.02 51.03 -8.09
N GLU F 48 -28.00 51.87 -8.45
CA GLU F 48 -29.10 51.47 -9.32
C GLU F 48 -29.08 52.24 -10.64
N LEU F 49 -28.01 52.97 -10.91
CA LEU F 49 -27.83 53.62 -12.21
C LEU F 49 -27.24 52.61 -13.17
N ASP F 50 -28.04 52.15 -14.14
CA ASP F 50 -27.50 51.31 -15.19
C ASP F 50 -26.46 52.09 -15.98
N TYR F 51 -25.34 51.43 -16.30
CA TYR F 51 -24.27 52.10 -17.02
C TYR F 51 -24.76 52.58 -18.38
N ALA F 52 -25.58 51.77 -19.05
CA ALA F 52 -25.96 52.06 -20.44
C ALA F 52 -26.99 53.19 -20.53
N ASN F 53 -27.88 53.30 -19.56
CA ASN F 53 -29.03 54.19 -19.66
C ASN F 53 -28.92 55.45 -18.83
N ASP F 54 -28.45 55.32 -17.59
CA ASP F 54 -28.53 56.42 -16.64
C ASP F 54 -27.23 57.17 -16.44
N ILE F 55 -26.21 56.88 -17.24
CA ILE F 55 -24.93 57.60 -17.12
C ILE F 55 -24.53 58.12 -18.50
N GLU F 56 -24.26 59.40 -18.65
CA GLU F 56 -23.81 59.96 -19.94
C GLU F 56 -22.29 60.09 -19.95
N LYS F 57 -21.66 59.86 -21.09
CA LYS F 57 -20.18 59.94 -21.17
C LYS F 57 -19.75 61.10 -22.11
N LYS F 58 -19.29 60.87 -23.34
CA LYS F 58 -18.71 61.79 -24.39
C LYS F 58 -17.22 62.05 -24.16
N ILE F 59 -16.47 62.20 -25.26
CA ILE F 59 -15.01 62.36 -25.28
C ILE F 59 -14.65 63.75 -24.74
N CYS F 60 -13.44 63.89 -24.22
CA CYS F 60 -12.86 65.10 -23.65
C CYS F 60 -11.51 65.29 -24.37
N LYS F 61 -11.52 65.79 -25.62
CA LYS F 61 -10.30 65.88 -26.49
C LYS F 61 -9.27 66.91 -26.01
N MET F 62 -8.02 66.53 -25.72
CA MET F 62 -6.91 67.44 -25.33
C MET F 62 -5.64 67.04 -26.09
N GLU F 63 -4.49 67.69 -25.90
CA GLU F 63 -3.24 67.42 -26.67
C GLU F 63 -2.19 66.65 -25.85
#